data_8I71
#
_entry.id   8I71
#
_cell.length_a   64.392
_cell.length_b   67.565
_cell.length_c   86.246
_cell.angle_alpha   68.60
_cell.angle_beta   69.81
_cell.angle_gamma   83.87
#
_symmetry.space_group_name_H-M   'P 1'
#
loop_
_entity.id
_entity.type
_entity.pdbx_description
1 polymer 'Capsid protein'
2 non-polymer 'CHLORIDE ION'
3 non-polymer 'ISOPROPYL ALCOHOL'
4 non-polymer GLYCEROL
5 non-polymer '3-[(8~{a}~{S})-7-[[5-ethoxycarbonyl-4-(3-fluoranyl-2-methyl-phenyl)-2-(1,3-thiazol-2-yl)-1,4-dihydropyrimidin-6-yl]methyl]-3-oxidanylidene-5,6,8,8~{a}-tetrahydro-1~{H}-imidazo[1,5-a]pyrazin-2-yl]-2,2-dimethyl-propanoic acid'
6 non-polymer 'DIMETHYL SULFOXIDE'
7 water water
#
_entity_poly.entity_id   1
_entity_poly.type   'polypeptide(L)'
_entity_poly.pdbx_seq_one_letter_code
;MDIDPYKEFGATVELLSFLPSDFFPSVRDLLDTAAALYRDALESPEHCSPHHTALRQAILCWGDLMTLATWVGTNLEDPA
SRDLVVSYVNTNVGLKFRQLLWFHISCLTFGRETVLEYLVSFGVWIRTPPAARPPNAPILSTLPETTVVENLYFQ
;
_entity_poly.pdbx_strand_id   A,B,C,D,E,F
#
# COMPACT_ATOMS: atom_id res chain seq x y z
N MET A 1 -2.80 -5.09 -11.98
CA MET A 1 -1.36 -5.21 -11.81
C MET A 1 -0.69 -3.85 -11.75
N ASP A 2 0.45 -3.80 -11.09
CA ASP A 2 1.27 -2.59 -11.05
C ASP A 2 2.65 -2.97 -11.57
N ILE A 3 2.90 -2.77 -12.86
CA ILE A 3 4.17 -3.13 -13.45
C ILE A 3 5.00 -1.87 -13.60
N ASP A 4 6.20 -1.90 -13.07
CA ASP A 4 7.19 -0.85 -13.24
C ASP A 4 8.13 -1.31 -14.34
N PRO A 5 8.17 -0.65 -15.50
CA PRO A 5 8.99 -1.15 -16.61
C PRO A 5 10.48 -1.15 -16.32
N TYR A 6 10.94 -0.43 -15.31
CA TYR A 6 12.35 -0.41 -14.96
C TYR A 6 12.74 -1.51 -13.98
N LYS A 7 11.75 -2.16 -13.33
CA LYS A 7 12.08 -3.02 -12.19
C LYS A 7 12.95 -4.21 -12.58
N GLU A 8 12.61 -4.88 -13.69
CA GLU A 8 13.46 -5.98 -14.13
C GLU A 8 14.84 -5.52 -14.58
N PHE A 9 15.05 -4.21 -14.74
CA PHE A 9 16.34 -3.67 -15.13
C PHE A 9 17.05 -3.00 -13.96
N GLY A 10 16.59 -3.21 -12.73
CA GLY A 10 17.31 -2.69 -11.58
C GLY A 10 17.10 -1.22 -11.30
N ALA A 11 16.02 -0.63 -11.80
CA ALA A 11 15.71 0.77 -11.53
C ALA A 11 14.22 0.87 -11.27
N THR A 12 13.72 2.10 -11.16
CA THR A 12 12.32 2.34 -10.85
C THR A 12 11.87 3.60 -11.57
N VAL A 13 10.55 3.73 -11.71
CA VAL A 13 9.96 4.95 -12.24
C VAL A 13 10.39 6.16 -11.41
N GLU A 14 10.36 6.02 -10.08
CA GLU A 14 10.71 7.14 -9.20
C GLU A 14 12.13 7.61 -9.44
N LEU A 15 13.05 6.68 -9.68
CA LEU A 15 14.44 7.07 -9.88
C LEU A 15 14.59 7.85 -11.18
N LEU A 16 13.97 7.39 -12.28
CA LEU A 16 14.03 8.16 -13.52
C LEU A 16 13.39 9.53 -13.37
N SER A 17 12.37 9.64 -12.53
CA SER A 17 11.70 10.92 -12.32
C SER A 17 12.58 11.92 -11.58
N PHE A 18 13.71 11.47 -11.00
CA PHE A 18 14.64 12.40 -10.35
C PHE A 18 15.28 13.33 -11.36
N LEU A 19 15.26 12.99 -12.64
CA LEU A 19 15.89 13.87 -13.62
C LEU A 19 14.86 14.85 -14.17
N PRO A 20 15.24 16.10 -14.34
CA PRO A 20 14.31 17.08 -14.92
C PRO A 20 14.06 16.76 -16.39
N SER A 21 12.92 17.23 -16.90
CA SER A 21 12.58 16.87 -18.27
C SER A 21 13.61 17.39 -19.27
N ASP A 22 14.26 18.54 -18.97
CA ASP A 22 15.25 19.12 -19.86
C ASP A 22 16.53 18.29 -20.00
N PHE A 23 16.74 17.33 -19.10
CA PHE A 23 17.91 16.45 -19.18
C PHE A 23 17.88 15.58 -20.42
N PHE A 24 16.67 15.12 -20.83
CA PHE A 24 16.60 14.07 -21.83
C PHE A 24 16.60 14.64 -23.24
N PRO A 25 17.25 13.95 -24.16
CA PRO A 25 17.02 14.25 -25.58
C PRO A 25 15.55 14.08 -25.92
N SER A 26 15.15 14.64 -27.06
CA SER A 26 13.78 14.46 -27.54
C SER A 26 13.53 13.01 -27.95
N VAL A 27 12.24 12.62 -28.01
CA VAL A 27 11.93 11.27 -28.46
C VAL A 27 12.48 11.04 -29.86
N ARG A 28 12.29 12.01 -30.76
CA ARG A 28 12.77 11.85 -32.11
C ARG A 28 14.26 11.62 -32.13
N ASP A 29 15.02 12.39 -31.34
CA ASP A 29 16.46 12.20 -31.32
C ASP A 29 16.85 10.88 -30.67
N LEU A 30 16.09 10.41 -29.67
CA LEU A 30 16.36 9.09 -29.10
C LEU A 30 16.12 8.00 -30.12
N LEU A 31 15.00 8.09 -30.84
CA LEU A 31 14.68 7.09 -31.87
C LEU A 31 15.73 7.08 -32.96
N ASP A 32 16.18 8.27 -33.39
CA ASP A 32 17.19 8.32 -34.44
C ASP A 32 18.52 7.74 -33.95
N THR A 33 18.85 7.94 -32.67
CA THR A 33 20.05 7.34 -32.11
C THR A 33 19.94 5.83 -32.01
N ALA A 34 18.78 5.31 -31.57
CA ALA A 34 18.59 3.87 -31.56
C ALA A 34 18.78 3.28 -32.95
N ALA A 35 18.24 3.94 -33.98
CA ALA A 35 18.42 3.47 -35.34
C ALA A 35 19.88 3.54 -35.79
N ALA A 36 20.56 4.66 -35.53
CA ALA A 36 21.95 4.78 -35.98
C ALA A 36 22.85 3.74 -35.35
N LEU A 37 22.60 3.39 -34.09
CA LEU A 37 23.49 2.52 -33.36
C LEU A 37 23.05 1.07 -33.31
N TYR A 38 21.74 0.81 -33.34
CA TYR A 38 21.26 -0.54 -33.07
C TYR A 38 20.23 -1.06 -34.07
N ARG A 39 20.08 -0.41 -35.22
CA ARG A 39 19.01 -0.80 -36.17
C ARG A 39 19.08 -2.29 -36.52
N ASP A 40 20.27 -2.76 -36.92
CA ASP A 40 20.38 -4.16 -37.32
C ASP A 40 20.02 -5.11 -36.18
N ALA A 41 20.51 -4.85 -34.96
CA ALA A 41 20.16 -5.70 -33.84
C ALA A 41 18.66 -5.64 -33.55
N LEU A 42 18.08 -4.44 -33.55
CA LEU A 42 16.67 -4.29 -33.24
C LEU A 42 15.78 -4.98 -34.26
N GLU A 43 16.20 -5.02 -35.52
CA GLU A 43 15.43 -5.65 -36.58
C GLU A 43 15.77 -7.13 -36.75
N SER A 44 16.65 -7.68 -35.93
CA SER A 44 17.12 -9.04 -36.15
C SER A 44 16.15 -10.07 -35.55
N PRO A 45 16.23 -11.33 -35.98
CA PRO A 45 15.44 -12.38 -35.34
C PRO A 45 16.01 -12.89 -34.02
N GLU A 46 17.01 -12.20 -33.48
CA GLU A 46 17.64 -12.54 -32.20
C GLU A 46 17.10 -11.65 -31.10
N HIS A 47 16.90 -12.23 -29.91
CA HIS A 47 16.53 -11.41 -28.76
C HIS A 47 17.58 -10.34 -28.47
N CYS A 48 18.87 -10.70 -28.57
CA CYS A 48 20.02 -9.84 -28.30
C CYS A 48 20.20 -9.57 -26.81
N SER A 49 19.21 -8.96 -26.17
CA SER A 49 19.27 -8.72 -24.73
C SER A 49 17.88 -8.29 -24.27
N PRO A 50 17.60 -8.37 -22.96
CA PRO A 50 16.34 -7.81 -22.46
C PRO A 50 16.17 -6.34 -22.79
N HIS A 51 17.28 -5.57 -22.84
CA HIS A 51 17.16 -4.18 -23.24
C HIS A 51 16.68 -4.05 -24.68
N HIS A 52 17.18 -4.90 -25.58
CA HIS A 52 16.71 -4.90 -26.96
C HIS A 52 15.23 -5.25 -27.03
N THR A 53 14.82 -6.28 -26.30
CA THR A 53 13.40 -6.67 -26.29
C THR A 53 12.54 -5.51 -25.81
N ALA A 54 12.92 -4.89 -24.69
CA ALA A 54 12.13 -3.78 -24.17
C ALA A 54 12.13 -2.61 -25.14
N LEU A 55 13.30 -2.32 -25.71
CA LEU A 55 13.43 -1.17 -26.59
C LEU A 55 12.60 -1.35 -27.86
N ARG A 56 12.58 -2.57 -28.43
CA ARG A 56 11.71 -2.87 -29.57
C ARG A 56 10.27 -2.48 -29.28
N GLN A 57 9.75 -2.89 -28.12
CA GLN A 57 8.35 -2.60 -27.79
C GLN A 57 8.13 -1.10 -27.60
N ALA A 58 9.07 -0.42 -26.94
CA ALA A 58 8.89 1.01 -26.68
C ALA A 58 8.85 1.79 -27.97
N ILE A 59 9.74 1.44 -28.90
CA ILE A 59 9.77 2.10 -30.21
C ILE A 59 8.44 1.91 -30.92
N LEU A 60 7.94 0.67 -30.95
CA LEU A 60 6.67 0.42 -31.61
C LEU A 60 5.53 1.11 -30.87
N CYS A 61 5.57 1.11 -29.53
CA CYS A 61 4.51 1.76 -28.76
C CYS A 61 4.45 3.24 -29.05
N TRP A 62 5.61 3.90 -29.14
CA TRP A 62 5.60 5.32 -29.46
C TRP A 62 4.94 5.56 -30.81
N GLY A 63 5.21 4.68 -31.79
CA GLY A 63 4.53 4.81 -33.07
C GLY A 63 3.02 4.78 -32.93
N ASP A 64 2.51 3.87 -32.10
CA ASP A 64 1.07 3.82 -31.81
C ASP A 64 0.60 5.12 -31.17
N LEU A 65 1.37 5.62 -30.20
CA LEU A 65 0.96 6.84 -29.50
C LEU A 65 0.94 8.03 -30.45
N MET A 66 1.92 8.10 -31.35
CA MET A 66 1.97 9.22 -32.29
C MET A 66 0.86 9.14 -33.33
N THR A 67 0.52 7.94 -33.79
CA THR A 67 -0.62 7.84 -34.70
C THR A 67 -1.89 8.31 -34.00
N LEU A 68 -2.07 7.93 -32.73
CA LEU A 68 -3.21 8.41 -31.97
C LEU A 68 -3.15 9.92 -31.75
N ALA A 69 -2.02 10.42 -31.26
CA ALA A 69 -1.92 11.85 -30.99
C ALA A 69 -2.04 12.67 -32.27
N THR A 70 -1.47 12.17 -33.37
CA THR A 70 -1.62 12.86 -34.64
C THR A 70 -3.07 12.85 -35.11
N TRP A 71 -3.76 11.73 -34.93
CA TRP A 71 -5.17 11.65 -35.33
C TRP A 71 -6.00 12.66 -34.53
N VAL A 72 -5.79 12.71 -33.21
CA VAL A 72 -6.46 13.73 -32.40
C VAL A 72 -6.05 15.13 -32.83
N GLY A 73 -4.75 15.35 -33.03
CA GLY A 73 -4.29 16.68 -33.40
C GLY A 73 -4.78 17.15 -34.74
N THR A 74 -4.70 16.29 -35.76
CA THR A 74 -5.13 16.71 -37.09
C THR A 74 -6.65 16.85 -37.19
N ASN A 75 -7.40 16.22 -36.30
CA ASN A 75 -8.86 16.33 -36.31
C ASN A 75 -9.37 17.29 -35.25
N LEU A 76 -8.49 18.02 -34.58
CA LEU A 76 -8.87 18.95 -33.53
C LEU A 76 -8.99 20.37 -34.06
N GLU A 77 -10.14 20.99 -33.85
CA GLU A 77 -10.32 22.41 -34.10
C GLU A 77 -9.67 23.24 -32.99
N ASP A 78 -9.28 24.49 -33.32
CA ASP A 78 -8.68 25.47 -32.44
C ASP A 78 -7.19 25.19 -32.23
N PRO A 79 -6.31 26.15 -32.53
CA PRO A 79 -4.88 25.95 -32.22
C PRO A 79 -4.61 25.76 -30.75
N ALA A 80 -5.37 26.43 -29.87
CA ALA A 80 -5.17 26.28 -28.44
C ALA A 80 -5.43 24.85 -27.99
N SER A 81 -6.42 24.19 -28.59
CA SER A 81 -6.75 22.82 -28.23
C SER A 81 -5.64 21.87 -28.67
N ARG A 82 -5.17 22.03 -29.91
CA ARG A 82 -4.05 21.22 -30.38
C ARG A 82 -2.79 21.52 -29.60
N ASP A 83 -2.60 22.78 -29.21
CA ASP A 83 -1.51 23.12 -28.29
C ASP A 83 -1.64 22.32 -27.00
N LEU A 84 -2.87 22.17 -26.52
CA LEU A 84 -3.10 21.45 -25.26
C LEU A 84 -2.68 19.98 -25.38
N VAL A 85 -3.06 19.32 -26.48
CA VAL A 85 -2.70 17.91 -26.67
C VAL A 85 -1.19 17.78 -26.80
N VAL A 86 -0.57 18.62 -27.62
CA VAL A 86 0.88 18.58 -27.75
C VAL A 86 1.52 18.82 -26.40
N SER A 87 1.02 19.82 -25.66
CA SER A 87 1.51 20.07 -24.32
C SER A 87 1.33 18.85 -23.43
N TYR A 88 0.15 18.24 -23.48
CA TYR A 88 -0.12 17.07 -22.66
C TYR A 88 0.84 15.94 -22.99
N VAL A 89 1.07 15.69 -24.28
CA VAL A 89 2.05 14.68 -24.67
C VAL A 89 3.44 15.07 -24.16
N ASN A 90 3.82 16.34 -24.30
CA ASN A 90 5.14 16.79 -23.84
C ASN A 90 5.32 16.58 -22.35
N THR A 91 4.30 16.90 -21.57
CA THR A 91 4.41 16.85 -20.12
C THR A 91 4.34 15.42 -19.60
N ASN A 92 3.48 14.60 -20.20
CA ASN A 92 3.18 13.28 -19.66
C ASN A 92 3.78 12.14 -20.46
N VAL A 93 3.12 11.65 -21.52
CA VAL A 93 3.60 10.38 -22.06
C VAL A 93 4.87 10.59 -22.89
N GLY A 94 5.08 11.78 -23.45
CA GLY A 94 6.35 12.06 -24.10
C GLY A 94 7.52 12.01 -23.13
N LEU A 95 7.33 12.57 -21.92
CA LEU A 95 8.39 12.49 -20.92
C LEU A 95 8.64 11.06 -20.50
N LYS A 96 7.57 10.27 -20.32
N LYS A 96 7.58 10.26 -20.34
CA LYS A 96 7.72 8.86 -19.97
CA LYS A 96 7.74 8.87 -19.96
C LYS A 96 8.62 8.14 -20.97
C LYS A 96 8.59 8.11 -20.98
N PHE A 97 8.37 8.36 -22.27
CA PHE A 97 9.13 7.66 -23.30
C PHE A 97 10.53 8.23 -23.50
N ARG A 98 10.72 9.51 -23.24
CA ARG A 98 12.08 10.05 -23.24
C ARG A 98 12.90 9.38 -22.15
N GLN A 99 12.31 9.25 -20.96
CA GLN A 99 12.98 8.52 -19.89
C GLN A 99 13.29 7.10 -20.30
N LEU A 100 12.28 6.42 -20.85
CA LEU A 100 12.40 4.99 -21.10
C LEU A 100 13.38 4.70 -22.22
N LEU A 101 13.26 5.43 -23.33
CA LEU A 101 14.18 5.23 -24.44
C LEU A 101 15.60 5.61 -24.04
N TRP A 102 15.76 6.71 -23.30
CA TRP A 102 17.11 7.11 -22.87
C TRP A 102 17.72 6.02 -22.00
N PHE A 103 16.92 5.48 -21.06
CA PHE A 103 17.43 4.46 -20.17
C PHE A 103 17.96 3.26 -20.92
N HIS A 104 17.15 2.71 -21.85
CA HIS A 104 17.57 1.49 -22.52
C HIS A 104 18.74 1.73 -23.46
N ILE A 105 18.73 2.82 -24.23
CA ILE A 105 19.85 3.10 -25.14
C ILE A 105 21.13 3.34 -24.34
N SER A 106 21.03 4.09 -23.24
CA SER A 106 22.22 4.38 -22.44
C SER A 106 22.75 3.10 -21.80
N CYS A 107 21.85 2.25 -21.28
CA CYS A 107 22.29 0.99 -20.70
C CYS A 107 22.99 0.12 -21.74
N LEU A 108 22.49 0.10 -22.98
CA LEU A 108 23.15 -0.69 -24.01
C LEU A 108 24.58 -0.22 -24.27
N THR A 109 24.87 1.05 -24.02
CA THR A 109 26.22 1.55 -24.27
C THR A 109 27.10 1.49 -23.03
N PHE A 110 26.56 1.85 -21.87
CA PHE A 110 27.37 2.03 -20.68
C PHE A 110 27.13 1.00 -19.59
N GLY A 111 26.05 0.23 -19.66
CA GLY A 111 25.76 -0.66 -18.55
C GLY A 111 24.94 0.02 -17.47
N ARG A 112 24.17 -0.80 -16.74
CA ARG A 112 23.20 -0.29 -15.79
C ARG A 112 23.87 0.54 -14.70
N GLU A 113 24.96 0.03 -14.12
CA GLU A 113 25.58 0.71 -12.97
C GLU A 113 26.01 2.13 -13.34
N THR A 114 26.70 2.27 -14.47
CA THR A 114 27.16 3.59 -14.90
C THR A 114 25.97 4.52 -15.15
N VAL A 115 24.91 3.98 -15.75
CA VAL A 115 23.74 4.81 -16.05
C VAL A 115 23.07 5.28 -14.76
N LEU A 116 22.87 4.38 -13.81
CA LEU A 116 22.22 4.77 -12.56
C LEU A 116 23.07 5.76 -11.78
N GLU A 117 24.39 5.56 -11.78
CA GLU A 117 25.26 6.52 -11.10
C GLU A 117 25.16 7.88 -11.77
N TYR A 118 25.07 7.91 -13.10
CA TYR A 118 24.97 9.18 -13.81
C TYR A 118 23.64 9.86 -13.53
N LEU A 119 22.56 9.09 -13.43
N LEU A 119 22.56 9.07 -13.45
CA LEU A 119 21.27 9.68 -13.09
CA LEU A 119 21.26 9.60 -13.03
C LEU A 119 21.37 10.45 -11.77
C LEU A 119 21.40 10.44 -11.77
N VAL A 120 22.04 9.87 -10.76
CA VAL A 120 22.17 10.54 -9.48
C VAL A 120 23.07 11.76 -9.63
N SER A 121 24.18 11.59 -10.35
CA SER A 121 25.13 12.69 -10.50
C SER A 121 24.46 13.90 -11.12
N PHE A 122 23.74 13.70 -12.24
CA PHE A 122 23.09 14.85 -12.87
C PHE A 122 21.98 15.40 -12.02
N GLY A 123 21.15 14.52 -11.44
CA GLY A 123 20.06 14.99 -10.61
C GLY A 123 20.53 15.84 -9.43
N VAL A 124 21.69 15.49 -8.86
CA VAL A 124 22.28 16.30 -7.78
C VAL A 124 22.88 17.59 -8.33
N TRP A 125 23.58 17.52 -9.46
CA TRP A 125 24.16 18.74 -10.03
C TRP A 125 23.08 19.77 -10.35
N ILE A 126 21.99 19.35 -11.00
CA ILE A 126 21.00 20.33 -11.45
C ILE A 126 20.25 20.95 -10.28
N ARG A 127 20.22 20.28 -9.14
CA ARG A 127 19.62 20.80 -7.92
C ARG A 127 20.56 21.66 -7.10
N THR A 128 21.84 21.71 -7.48
CA THR A 128 22.76 22.64 -6.84
C THR A 128 22.56 24.02 -7.46
N PRO A 129 22.50 25.09 -6.67
CA PRO A 129 22.24 26.41 -7.25
C PRO A 129 23.29 26.75 -8.30
N PRO A 130 22.87 27.31 -9.43
CA PRO A 130 23.83 27.50 -10.55
C PRO A 130 25.05 28.32 -10.18
N ALA A 131 24.89 29.34 -9.33
CA ALA A 131 26.03 30.16 -8.95
C ALA A 131 26.97 29.46 -7.97
N ALA A 132 26.60 28.28 -7.48
CA ALA A 132 27.42 27.55 -6.52
C ALA A 132 28.01 26.25 -7.07
N ARG A 133 27.71 25.90 -8.31
CA ARG A 133 28.05 24.57 -8.79
C ARG A 133 29.07 24.66 -9.92
N PRO A 134 29.71 23.55 -10.31
CA PRO A 134 30.61 23.62 -11.45
C PRO A 134 29.85 24.05 -12.70
N PRO A 135 30.48 24.83 -13.57
CA PRO A 135 29.75 25.37 -14.72
C PRO A 135 29.26 24.32 -15.68
N ASN A 136 29.96 23.20 -15.81
CA ASN A 136 29.55 22.17 -16.76
C ASN A 136 28.89 21.00 -16.05
N ALA A 137 28.02 20.31 -16.78
CA ALA A 137 27.31 19.17 -16.21
C ALA A 137 28.27 18.00 -16.02
N PRO A 138 27.93 17.05 -15.14
CA PRO A 138 28.69 15.80 -15.11
C PRO A 138 28.57 15.11 -16.45
N ILE A 139 29.51 14.20 -16.70
CA ILE A 139 29.63 13.53 -18.00
C ILE A 139 29.30 12.05 -17.85
N LEU A 140 28.50 11.54 -18.79
CA LEU A 140 28.17 10.12 -18.88
C LEU A 140 29.28 9.42 -19.66
N SER A 141 30.04 8.55 -19.00
CA SER A 141 31.13 7.90 -19.72
C SER A 141 31.54 6.65 -18.97
N THR A 142 32.33 5.82 -19.66
CA THR A 142 33.01 4.68 -19.08
C THR A 142 34.43 5.06 -18.69
N VAL A 149 51.14 -1.09 -12.34
CA VAL A 149 52.19 -1.80 -13.06
C VAL A 149 53.52 -1.70 -12.32
N GLU A 150 53.96 -2.82 -11.73
CA GLU A 150 55.20 -2.89 -10.99
C GLU A 150 56.38 -3.09 -11.93
N ASN A 151 57.60 -2.91 -11.38
CA ASN A 151 58.82 -3.26 -12.11
C ASN A 151 58.76 -4.69 -12.61
N LEU A 152 58.21 -5.59 -11.79
CA LEU A 152 58.11 -7.01 -12.14
C LEU A 152 57.49 -7.20 -13.51
N TYR A 153 56.55 -6.34 -13.89
CA TYR A 153 55.84 -6.51 -15.15
C TYR A 153 56.79 -6.52 -16.34
N PHE A 154 57.89 -5.78 -16.25
CA PHE A 154 58.84 -5.56 -17.33
C PHE A 154 60.07 -6.45 -17.26
N GLN A 155 60.20 -7.28 -16.24
CA GLN A 155 61.41 -8.07 -16.04
C GLN A 155 61.31 -9.43 -16.72
N MET B 1 12.91 2.68 -38.84
CA MET B 1 13.18 1.25 -38.64
C MET B 1 11.94 0.43 -38.97
N ASP B 2 12.15 -0.82 -39.31
CA ASP B 2 11.07 -1.75 -39.61
C ASP B 2 11.19 -2.89 -38.61
N ILE B 3 10.53 -2.76 -37.45
CA ILE B 3 10.61 -3.76 -36.40
C ILE B 3 9.29 -4.53 -36.37
N ASP B 4 9.38 -5.83 -36.48
CA ASP B 4 8.25 -6.74 -36.30
C ASP B 4 8.33 -7.29 -34.90
N PRO B 5 7.36 -7.00 -34.01
CA PRO B 5 7.48 -7.45 -32.61
C PRO B 5 7.50 -8.96 -32.42
N TYR B 6 7.08 -9.73 -33.43
CA TYR B 6 7.09 -11.18 -33.33
C TYR B 6 8.40 -11.82 -33.78
N LYS B 7 9.26 -11.05 -34.47
CA LYS B 7 10.38 -11.66 -35.18
C LYS B 7 11.36 -12.33 -34.23
N GLU B 8 11.71 -11.67 -33.12
CA GLU B 8 12.60 -12.31 -32.15
C GLU B 8 11.95 -13.51 -31.46
N PHE B 9 10.63 -13.70 -31.63
CA PHE B 9 9.92 -14.84 -31.04
C PHE B 9 9.56 -15.90 -32.08
N GLY B 10 10.18 -15.85 -33.24
CA GLY B 10 9.95 -16.90 -34.23
C GLY B 10 8.67 -16.77 -35.00
N ALA B 11 8.06 -15.59 -35.03
CA ALA B 11 6.83 -15.39 -35.77
C ALA B 11 6.90 -14.06 -36.50
N THR B 12 5.78 -13.67 -37.11
CA THR B 12 5.67 -12.43 -37.87
C THR B 12 4.27 -11.88 -37.71
N VAL B 13 4.14 -10.58 -38.01
CA VAL B 13 2.84 -9.94 -38.07
C VAL B 13 1.93 -10.66 -39.07
N GLU B 14 2.48 -11.05 -40.23
CA GLU B 14 1.66 -11.70 -41.25
C GLU B 14 1.08 -13.02 -40.73
N LEU B 15 1.84 -13.75 -39.92
CA LEU B 15 1.36 -15.03 -39.41
C LEU B 15 0.22 -14.83 -38.42
N LEU B 16 0.37 -13.88 -37.49
CA LEU B 16 -0.74 -13.57 -36.59
C LEU B 16 -1.96 -13.09 -37.36
N SER B 17 -1.74 -12.40 -38.48
CA SER B 17 -2.84 -11.92 -39.31
C SER B 17 -3.61 -13.06 -39.95
N PHE B 18 -3.05 -14.28 -39.97
CA PHE B 18 -3.76 -15.43 -40.53
C PHE B 18 -4.98 -15.78 -39.71
N LEU B 19 -5.04 -15.32 -38.46
CA LEU B 19 -6.20 -15.62 -37.65
C LEU B 19 -7.24 -14.52 -37.79
N PRO B 20 -8.52 -14.88 -37.87
CA PRO B 20 -9.57 -13.86 -37.95
C PRO B 20 -9.65 -13.12 -36.62
N SER B 21 -10.16 -11.89 -36.70
CA SER B 21 -10.19 -11.07 -35.49
C SER B 21 -11.03 -11.70 -34.40
N ASP B 22 -12.08 -12.46 -34.79
CA ASP B 22 -12.96 -13.12 -33.82
C ASP B 22 -12.29 -14.22 -33.04
N PHE B 23 -11.12 -14.71 -33.48
CA PHE B 23 -10.40 -15.76 -32.77
C PHE B 23 -9.92 -15.29 -31.40
N PHE B 24 -9.55 -14.01 -31.29
CA PHE B 24 -8.81 -13.57 -30.10
C PHE B 24 -9.76 -13.15 -29.00
N PRO B 25 -9.43 -13.47 -27.75
CA PRO B 25 -10.12 -12.84 -26.63
C PRO B 25 -9.98 -11.33 -26.70
N SER B 26 -10.83 -10.64 -25.94
CA SER B 26 -10.78 -9.18 -25.84
C SER B 26 -9.54 -8.72 -25.08
N VAL B 27 -9.18 -7.45 -25.28
CA VAL B 27 -8.05 -6.88 -24.56
C VAL B 27 -8.27 -7.02 -23.05
N ARG B 28 -9.46 -6.66 -22.57
CA ARG B 28 -9.72 -6.73 -21.13
C ARG B 28 -9.52 -8.16 -20.63
N ASP B 29 -10.02 -9.13 -21.37
CA ASP B 29 -9.91 -10.51 -20.92
C ASP B 29 -8.48 -11.02 -20.98
N LEU B 30 -7.69 -10.56 -21.98
CA LEU B 30 -6.27 -10.92 -22.00
C LEU B 30 -5.54 -10.32 -20.80
N LEU B 31 -5.81 -9.06 -20.51
CA LEU B 31 -5.18 -8.40 -19.36
C LEU B 31 -5.59 -9.07 -18.05
N ASP B 32 -6.86 -9.45 -17.91
CA ASP B 32 -7.30 -10.14 -16.70
C ASP B 32 -6.61 -11.48 -16.55
N THR B 33 -6.43 -12.20 -17.67
CA THR B 33 -5.77 -13.48 -17.64
C THR B 33 -4.27 -13.37 -17.35
N ALA B 34 -3.61 -12.36 -17.95
CA ALA B 34 -2.21 -12.15 -17.61
C ALA B 34 -2.04 -11.92 -16.11
N ALA B 35 -2.95 -11.16 -15.50
CA ALA B 35 -2.86 -10.95 -14.06
C ALA B 35 -3.14 -12.23 -13.28
N ALA B 36 -4.18 -13.00 -13.66
CA ALA B 36 -4.52 -14.18 -12.89
C ALA B 36 -3.38 -15.20 -12.90
N LEU B 37 -2.69 -15.34 -14.03
CA LEU B 37 -1.73 -16.42 -14.18
C LEU B 37 -0.28 -16.01 -13.97
N TYR B 38 0.07 -14.74 -14.25
CA TYR B 38 1.45 -14.32 -14.31
C TYR B 38 1.76 -13.02 -13.54
N ARG B 39 0.84 -12.54 -12.70
CA ARG B 39 1.08 -11.27 -12.00
C ARG B 39 2.41 -11.29 -11.25
N ASP B 40 2.68 -12.34 -10.47
CA ASP B 40 3.90 -12.37 -9.67
C ASP B 40 5.14 -12.29 -10.55
N ALA B 41 5.17 -13.06 -11.63
CA ALA B 41 6.31 -13.00 -12.54
C ALA B 41 6.42 -11.63 -13.20
N LEU B 42 5.30 -11.11 -13.68
CA LEU B 42 5.34 -9.84 -14.40
C LEU B 42 5.78 -8.69 -13.52
N GLU B 43 5.44 -8.73 -12.24
CA GLU B 43 5.81 -7.69 -11.30
C GLU B 43 7.15 -7.95 -10.61
N SER B 44 7.84 -9.03 -10.95
CA SER B 44 9.04 -9.38 -10.21
C SER B 44 10.25 -8.59 -10.72
N PRO B 45 11.32 -8.52 -9.93
CA PRO B 45 12.56 -7.89 -10.40
C PRO B 45 13.41 -8.78 -11.31
N GLU B 46 12.92 -9.94 -11.73
CA GLU B 46 13.64 -10.83 -12.63
C GLU B 46 13.08 -10.71 -14.03
N HIS B 47 13.95 -10.74 -15.04
CA HIS B 47 13.49 -10.77 -16.43
C HIS B 47 12.52 -11.92 -16.67
N CYS B 48 12.86 -13.11 -16.13
CA CYS B 48 12.12 -14.36 -16.31
C CYS B 48 12.31 -14.93 -17.72
N SER B 49 11.92 -14.19 -18.75
CA SER B 49 12.09 -14.66 -20.12
C SER B 49 11.83 -13.48 -21.06
N PRO B 50 12.29 -13.57 -22.31
CA PRO B 50 11.95 -12.53 -23.29
C PRO B 50 10.46 -12.33 -23.47
N HIS B 51 9.64 -13.39 -23.35
CA HIS B 51 8.19 -13.22 -23.43
C HIS B 51 7.67 -12.35 -22.28
N HIS B 52 8.21 -12.55 -21.07
CA HIS B 52 7.80 -11.72 -19.93
C HIS B 52 8.16 -10.25 -20.16
N THR B 53 9.38 -10.00 -20.64
CA THR B 53 9.82 -8.64 -20.90
C THR B 53 8.90 -7.99 -21.93
N ALA B 54 8.62 -8.70 -23.02
CA ALA B 54 7.75 -8.12 -24.06
C ALA B 54 6.34 -7.92 -23.54
N LEU B 55 5.81 -8.90 -22.79
CA LEU B 55 4.44 -8.80 -22.31
C LEU B 55 4.27 -7.63 -21.34
N ARG B 56 5.25 -7.41 -20.45
CA ARG B 56 5.23 -6.24 -19.58
C ARG B 56 5.06 -4.97 -20.38
N GLN B 57 5.85 -4.80 -21.45
CA GLN B 57 5.78 -3.58 -22.23
C GLN B 57 4.44 -3.46 -22.93
N ALA B 58 3.91 -4.58 -23.45
CA ALA B 58 2.65 -4.55 -24.17
C ALA B 58 1.52 -4.12 -23.25
N ILE B 59 1.52 -4.64 -22.02
CA ILE B 59 0.50 -4.26 -21.05
C ILE B 59 0.56 -2.77 -20.76
N LEU B 60 1.78 -2.26 -20.49
CA LEU B 60 1.93 -0.84 -20.18
C LEU B 60 1.60 0.04 -21.38
N CYS B 61 1.94 -0.43 -22.59
CA CYS B 61 1.64 0.34 -23.79
C CYS B 61 0.14 0.53 -23.97
N TRP B 62 -0.63 -0.55 -23.78
CA TRP B 62 -2.08 -0.41 -23.86
C TRP B 62 -2.55 0.60 -22.83
N GLY B 63 -1.98 0.54 -21.62
CA GLY B 63 -2.28 1.55 -20.62
C GLY B 63 -1.95 2.96 -21.08
N ASP B 64 -0.80 3.15 -21.74
CA ASP B 64 -0.46 4.48 -22.28
C ASP B 64 -1.52 4.95 -23.26
N LEU B 65 -1.93 4.06 -24.17
CA LEU B 65 -2.91 4.46 -25.18
C LEU B 65 -4.24 4.83 -24.54
N MET B 66 -4.70 4.03 -23.56
CA MET B 66 -5.96 4.31 -22.92
C MET B 66 -5.89 5.55 -22.05
N THR B 67 -4.76 5.78 -21.38
CA THR B 67 -4.65 7.00 -20.59
C THR B 67 -4.74 8.25 -21.47
N LEU B 68 -4.03 8.24 -22.61
CA LEU B 68 -4.11 9.36 -23.53
C LEU B 68 -5.51 9.49 -24.12
N ALA B 69 -6.09 8.36 -24.57
CA ALA B 69 -7.41 8.40 -25.18
C ALA B 69 -8.47 8.87 -24.17
N THR B 70 -8.35 8.45 -22.91
CA THR B 70 -9.29 8.91 -21.90
C THR B 70 -9.15 10.41 -21.65
N TRP B 71 -7.91 10.91 -21.58
CA TRP B 71 -7.71 12.32 -21.25
C TRP B 71 -8.30 13.23 -22.31
N VAL B 72 -8.04 12.93 -23.59
CA VAL B 72 -8.62 13.75 -24.66
C VAL B 72 -10.14 13.68 -24.60
N GLY B 73 -10.68 12.50 -24.30
CA GLY B 73 -12.12 12.34 -24.22
C GLY B 73 -12.75 13.27 -23.21
N THR B 74 -12.09 13.48 -22.06
CA THR B 74 -12.61 14.39 -21.07
C THR B 74 -12.60 15.83 -21.55
N ASN B 75 -11.84 16.13 -22.61
CA ASN B 75 -11.72 17.47 -23.17
C ASN B 75 -12.63 17.69 -24.37
N LEU B 76 -13.52 16.75 -24.68
CA LEU B 76 -14.39 16.87 -25.84
C LEU B 76 -15.69 17.51 -25.38
N GLU B 77 -16.01 18.69 -25.93
CA GLU B 77 -17.13 19.49 -25.44
C GLU B 77 -18.44 18.71 -25.45
N ASP B 78 -18.59 17.80 -26.39
CA ASP B 78 -19.74 16.89 -26.42
C ASP B 78 -19.56 15.81 -25.37
N PRO B 79 -20.35 15.79 -24.29
CA PRO B 79 -20.24 14.69 -23.33
C PRO B 79 -20.54 13.34 -23.96
N ALA B 80 -21.35 13.31 -25.02
CA ALA B 80 -21.64 12.07 -25.71
C ALA B 80 -20.42 11.49 -26.43
N SER B 81 -19.41 12.33 -26.72
CA SER B 81 -18.18 11.87 -27.36
C SER B 81 -17.09 11.52 -26.35
N ARG B 82 -17.48 11.13 -25.13
CA ARG B 82 -16.51 10.90 -24.06
C ARG B 82 -15.51 9.81 -24.41
N ASP B 83 -16.00 8.69 -24.94
CA ASP B 83 -15.15 7.55 -25.28
C ASP B 83 -14.90 7.45 -26.78
N LEU B 84 -15.08 8.55 -27.52
CA LEU B 84 -14.85 8.54 -28.95
C LEU B 84 -13.39 8.23 -29.29
N VAL B 85 -12.46 8.82 -28.55
CA VAL B 85 -11.05 8.54 -28.81
C VAL B 85 -10.72 7.12 -28.36
N VAL B 86 -11.27 6.71 -27.22
CA VAL B 86 -11.10 5.32 -26.77
C VAL B 86 -11.62 4.35 -27.82
N SER B 87 -12.79 4.66 -28.39
N SER B 87 -12.78 4.67 -28.41
CA SER B 87 -13.33 3.80 -29.46
CA SER B 87 -13.33 3.81 -29.45
C SER B 87 -12.39 3.79 -30.65
C SER B 87 -12.48 3.83 -30.71
N TYR B 88 -11.77 4.93 -30.97
CA TYR B 88 -10.83 4.98 -32.09
C TYR B 88 -9.66 4.03 -31.87
N VAL B 89 -9.10 4.02 -30.66
CA VAL B 89 -7.99 3.13 -30.37
C VAL B 89 -8.41 1.67 -30.53
N ASN B 90 -9.57 1.29 -29.97
CA ASN B 90 -10.05 -0.08 -30.12
C ASN B 90 -10.22 -0.45 -31.59
N THR B 91 -10.72 0.49 -32.40
CA THR B 91 -11.02 0.18 -33.78
C THR B 91 -9.75 -0.04 -34.59
N ASN B 92 -8.71 0.78 -34.36
CA ASN B 92 -7.56 0.75 -35.25
C ASN B 92 -6.35 0.01 -34.69
N VAL B 93 -6.32 -0.27 -33.39
CA VAL B 93 -5.13 -0.79 -32.71
C VAL B 93 -5.54 -1.91 -31.74
N GLY B 94 -6.83 -2.03 -31.45
CA GLY B 94 -7.30 -3.10 -30.58
C GLY B 94 -6.94 -4.49 -31.06
N LEU B 95 -7.11 -4.76 -32.37
CA LEU B 95 -6.76 -6.07 -32.89
C LEU B 95 -5.27 -6.33 -32.77
N LYS B 96 -4.45 -5.31 -33.04
CA LYS B 96 -3.01 -5.50 -32.90
C LYS B 96 -2.64 -5.93 -31.48
N PHE B 97 -3.21 -5.31 -30.47
CA PHE B 97 -2.85 -5.67 -29.10
C PHE B 97 -3.46 -6.98 -28.65
N ARG B 98 -4.62 -7.34 -29.19
CA ARG B 98 -5.18 -8.65 -28.90
C ARG B 98 -4.27 -9.75 -29.43
N GLN B 99 -3.80 -9.60 -30.67
CA GLN B 99 -2.84 -10.56 -31.21
C GLN B 99 -1.62 -10.67 -30.32
N LEU B 100 -1.07 -9.52 -29.92
CA LEU B 100 0.21 -9.49 -29.24
C LEU B 100 0.10 -10.05 -27.82
N LEU B 101 -0.90 -9.60 -27.07
CA LEU B 101 -1.10 -10.13 -25.72
C LEU B 101 -1.42 -11.61 -25.76
N TRP B 102 -2.28 -12.03 -26.70
CA TRP B 102 -2.62 -13.45 -26.80
C TRP B 102 -1.38 -14.26 -27.07
N PHE B 103 -0.55 -13.79 -28.03
CA PHE B 103 0.66 -14.52 -28.39
C PHE B 103 1.55 -14.73 -27.18
N HIS B 104 1.84 -13.66 -26.42
CA HIS B 104 2.78 -13.80 -25.33
C HIS B 104 2.19 -14.62 -24.18
N ILE B 105 0.93 -14.36 -23.83
CA ILE B 105 0.30 -15.14 -22.75
C ILE B 105 0.26 -16.61 -23.14
N SER B 106 -0.12 -16.90 -24.38
CA SER B 106 -0.20 -18.30 -24.82
C SER B 106 1.18 -18.94 -24.86
N CYS B 107 2.19 -18.22 -25.36
CA CYS B 107 3.53 -18.80 -25.42
C CYS B 107 4.04 -19.14 -24.02
N LEU B 108 3.74 -18.27 -23.04
CA LEU B 108 4.15 -18.55 -21.68
C LEU B 108 3.49 -19.81 -21.11
N THR B 109 2.33 -20.20 -21.62
CA THR B 109 1.66 -21.38 -21.09
C THR B 109 1.99 -22.62 -21.90
N PHE B 110 2.04 -22.49 -23.22
CA PHE B 110 2.12 -23.63 -24.11
C PHE B 110 3.44 -23.77 -24.86
N GLY B 111 4.28 -22.74 -24.89
CA GLY B 111 5.47 -22.81 -25.72
C GLY B 111 5.21 -22.35 -27.14
N ARG B 112 6.23 -21.74 -27.75
CA ARG B 112 6.12 -21.16 -29.09
C ARG B 112 5.62 -22.19 -30.11
N GLU B 113 6.25 -23.37 -30.14
CA GLU B 113 5.92 -24.36 -31.17
C GLU B 113 4.45 -24.76 -31.12
N THR B 114 3.94 -25.03 -29.92
CA THR B 114 2.53 -25.39 -29.80
C THR B 114 1.62 -24.23 -30.21
N VAL B 115 2.00 -23.00 -29.86
CA VAL B 115 1.19 -21.84 -30.22
C VAL B 115 1.17 -21.65 -31.74
N LEU B 116 2.34 -21.73 -32.38
CA LEU B 116 2.38 -21.52 -33.83
C LEU B 116 1.62 -22.60 -34.57
N GLU B 117 1.72 -23.85 -34.11
CA GLU B 117 0.95 -24.94 -34.73
C GLU B 117 -0.54 -24.71 -34.55
N TYR B 118 -0.94 -24.19 -33.40
CA TYR B 118 -2.37 -23.94 -33.17
C TYR B 118 -2.88 -22.80 -34.06
N LEU B 119 -2.07 -21.76 -34.22
CA LEU B 119 -2.42 -20.69 -35.14
C LEU B 119 -2.73 -21.23 -36.53
N VAL B 120 -1.87 -22.13 -37.02
CA VAL B 120 -2.10 -22.74 -38.33
C VAL B 120 -3.36 -23.61 -38.28
N SER B 121 -3.50 -24.43 -37.24
CA SER B 121 -4.66 -25.34 -37.15
C SER B 121 -5.98 -24.58 -37.19
N PHE B 122 -6.11 -23.53 -36.37
CA PHE B 122 -7.35 -22.78 -36.38
C PHE B 122 -7.54 -22.01 -37.69
N GLY B 123 -6.48 -21.38 -38.21
CA GLY B 123 -6.64 -20.63 -39.44
C GLY B 123 -7.08 -21.49 -40.61
N VAL B 124 -6.63 -22.74 -40.65
CA VAL B 124 -7.08 -23.66 -41.69
C VAL B 124 -8.52 -24.09 -41.39
N TRP B 125 -8.83 -24.38 -40.13
CA TRP B 125 -10.20 -24.79 -39.80
C TRP B 125 -11.20 -23.71 -40.17
N ILE B 126 -10.93 -22.45 -39.81
CA ILE B 126 -11.93 -21.40 -40.03
C ILE B 126 -12.11 -21.09 -41.52
N ARG B 127 -11.11 -21.44 -42.35
CA ARG B 127 -11.22 -21.25 -43.79
C ARG B 127 -11.86 -22.42 -44.51
N THR B 128 -12.12 -23.52 -43.79
CA THR B 128 -12.87 -24.62 -44.36
C THR B 128 -14.36 -24.27 -44.29
N PRO B 129 -15.14 -24.49 -45.35
CA PRO B 129 -16.55 -24.08 -45.32
C PRO B 129 -17.26 -24.71 -44.14
N PRO B 130 -18.10 -23.96 -43.43
CA PRO B 130 -18.68 -24.49 -42.18
C PRO B 130 -19.44 -25.78 -42.39
N ALA B 131 -20.13 -25.93 -43.53
CA ALA B 131 -20.88 -27.16 -43.76
C ALA B 131 -19.99 -28.34 -44.11
N ALA B 132 -18.69 -28.11 -44.33
CA ALA B 132 -17.77 -29.17 -44.72
C ALA B 132 -16.74 -29.52 -43.66
N ARG B 133 -16.73 -28.84 -42.51
CA ARG B 133 -15.65 -28.98 -41.54
C ARG B 133 -16.17 -29.59 -40.25
N PRO B 134 -15.28 -30.06 -39.36
CA PRO B 134 -15.73 -30.55 -38.05
C PRO B 134 -16.44 -29.44 -37.29
N PRO B 135 -17.50 -29.77 -36.57
CA PRO B 135 -18.32 -28.75 -35.94
C PRO B 135 -17.59 -27.94 -34.89
N ASN B 136 -16.62 -28.53 -34.19
CA ASN B 136 -15.92 -27.81 -33.14
C ASN B 136 -14.53 -27.38 -33.61
N ALA B 137 -14.06 -26.29 -33.01
CA ALA B 137 -12.74 -25.77 -33.35
C ALA B 137 -11.63 -26.68 -32.83
N PRO B 138 -10.43 -26.62 -33.42
CA PRO B 138 -9.31 -27.31 -32.81
C PRO B 138 -9.03 -26.71 -31.44
N ILE B 139 -8.32 -27.49 -30.62
CA ILE B 139 -8.12 -27.15 -29.22
C ILE B 139 -6.65 -26.86 -28.97
N LEU B 140 -6.39 -25.78 -28.24
CA LEU B 140 -5.04 -25.42 -27.83
C LEU B 140 -4.71 -26.14 -26.53
N SER B 141 -3.66 -26.97 -26.52
CA SER B 141 -3.39 -27.74 -25.31
C SER B 141 -1.91 -28.04 -25.15
N THR B 142 -1.51 -28.25 -23.89
CA THR B 142 -0.10 -28.43 -23.55
C THR B 142 0.40 -29.79 -24.00
N LEU B 143 1.71 -29.88 -24.19
CA LEU B 143 2.40 -31.13 -24.44
C LEU B 143 2.54 -31.90 -23.12
N PRO B 144 2.60 -33.24 -23.20
CA PRO B 144 2.86 -34.02 -21.98
C PRO B 144 4.24 -33.70 -21.43
N GLU B 145 4.35 -33.69 -20.10
CA GLU B 145 5.64 -33.43 -19.47
C GLU B 145 6.61 -34.60 -19.68
N THR B 146 6.09 -35.82 -19.77
CA THR B 146 6.89 -37.01 -19.98
C THR B 146 6.32 -37.79 -21.15
N THR B 147 7.20 -38.33 -21.98
CA THR B 147 6.78 -39.09 -23.15
C THR B 147 6.43 -40.52 -22.76
N VAL B 148 5.67 -41.18 -23.63
CA VAL B 148 5.32 -42.57 -23.39
C VAL B 148 6.57 -43.45 -23.38
N VAL B 149 7.56 -43.11 -24.21
CA VAL B 149 8.81 -43.87 -24.26
C VAL B 149 9.52 -43.80 -22.90
N GLU B 150 9.64 -42.59 -22.35
CA GLU B 150 10.28 -42.45 -21.04
C GLU B 150 9.51 -43.17 -19.96
N ASN B 151 8.18 -43.04 -19.96
CA ASN B 151 7.35 -43.69 -18.95
C ASN B 151 7.53 -45.20 -18.97
N LEU B 152 7.55 -45.79 -20.17
CA LEU B 152 7.75 -47.23 -20.27
C LEU B 152 9.18 -47.62 -19.92
N TYR B 153 10.15 -46.74 -20.20
CA TYR B 153 11.53 -47.07 -19.87
C TYR B 153 11.72 -47.29 -18.38
N PHE B 154 11.00 -46.55 -17.53
CA PHE B 154 11.21 -46.66 -16.09
C PHE B 154 10.25 -47.62 -15.42
N GLN B 155 9.41 -48.32 -16.19
CA GLN B 155 8.65 -49.43 -15.62
C GLN B 155 9.60 -50.51 -15.10
N MET C 1 -8.35 -2.81 9.61
CA MET C 1 -7.61 -3.98 9.17
C MET C 1 -8.02 -4.31 7.76
N ASP C 2 -7.12 -4.92 7.00
CA ASP C 2 -7.41 -5.32 5.62
C ASP C 2 -7.28 -6.85 5.56
N ILE C 3 -8.38 -7.54 5.81
CA ILE C 3 -8.39 -8.99 5.87
C ILE C 3 -8.99 -9.52 4.57
N ASP C 4 -8.28 -10.44 3.94
CA ASP C 4 -8.77 -11.17 2.78
C ASP C 4 -9.31 -12.50 3.29
N PRO C 5 -10.62 -12.76 3.19
CA PRO C 5 -11.17 -14.00 3.77
C PRO C 5 -10.64 -15.25 3.12
N TYR C 6 -10.07 -15.14 1.93
CA TYR C 6 -9.54 -16.32 1.24
C TYR C 6 -8.10 -16.62 1.60
N LYS C 7 -7.40 -15.67 2.25
CA LYS C 7 -5.95 -15.79 2.37
C LYS C 7 -5.54 -17.00 3.21
N GLU C 8 -6.21 -17.23 4.34
CA GLU C 8 -5.85 -18.41 5.12
C GLU C 8 -6.21 -19.71 4.42
N PHE C 9 -6.98 -19.66 3.33
CA PHE C 9 -7.38 -20.84 2.57
C PHE C 9 -6.63 -20.97 1.25
N GLY C 10 -5.54 -20.22 1.08
CA GLY C 10 -4.70 -20.37 -0.09
C GLY C 10 -5.22 -19.67 -1.32
N ALA C 11 -6.12 -18.69 -1.17
CA ALA C 11 -6.64 -17.98 -2.33
C ALA C 11 -6.71 -16.49 -1.99
N THR C 12 -7.31 -15.71 -2.89
CA THR C 12 -7.45 -14.28 -2.71
C THR C 12 -8.74 -13.82 -3.33
N VAL C 13 -9.18 -12.63 -2.92
CA VAL C 13 -10.35 -12.00 -3.54
C VAL C 13 -10.15 -11.83 -5.04
N GLU C 14 -8.96 -11.38 -5.47
CA GLU C 14 -8.73 -11.16 -6.90
C GLU C 14 -8.89 -12.45 -7.71
N LEU C 15 -8.52 -13.59 -7.13
CA LEU C 15 -8.64 -14.85 -7.85
C LEU C 15 -10.11 -15.22 -8.04
N LEU C 16 -10.90 -15.11 -6.97
CA LEU C 16 -12.35 -15.35 -7.11
C LEU C 16 -12.97 -14.38 -8.10
N SER C 17 -12.48 -13.15 -8.16
N SER C 17 -12.47 -13.15 -8.16
CA SER C 17 -13.07 -12.17 -9.05
CA SER C 17 -13.01 -12.13 -9.05
C SER C 17 -12.67 -12.38 -10.51
C SER C 17 -12.76 -12.46 -10.51
N PHE C 18 -11.81 -13.36 -10.78
CA PHE C 18 -11.54 -13.77 -12.15
C PHE C 18 -12.73 -14.47 -12.76
N LEU C 19 -13.66 -14.93 -11.93
CA LEU C 19 -14.82 -15.62 -12.53
C LEU C 19 -15.97 -14.64 -12.75
N PRO C 20 -16.69 -14.76 -13.85
CA PRO C 20 -17.84 -13.88 -14.08
C PRO C 20 -18.94 -14.19 -13.08
N SER C 21 -19.79 -13.19 -12.83
CA SER C 21 -20.80 -13.39 -11.80
C SER C 21 -21.74 -14.53 -12.16
N ASP C 22 -22.00 -14.74 -13.45
CA ASP C 22 -22.90 -15.81 -13.91
C ASP C 22 -22.38 -17.21 -13.63
N PHE C 23 -21.10 -17.35 -13.32
CA PHE C 23 -20.53 -18.66 -12.99
C PHE C 23 -21.15 -19.24 -11.72
N PHE C 24 -21.48 -18.38 -10.74
CA PHE C 24 -21.82 -18.87 -9.41
C PHE C 24 -23.31 -19.16 -9.28
N PRO C 25 -23.66 -20.22 -8.56
CA PRO C 25 -25.06 -20.41 -8.13
C PRO C 25 -25.48 -19.21 -7.27
N SER C 26 -26.80 -19.08 -7.08
CA SER C 26 -27.32 -18.02 -6.21
C SER C 26 -26.95 -18.31 -4.76
N VAL C 27 -27.02 -17.27 -3.92
CA VAL C 27 -26.76 -17.50 -2.50
C VAL C 27 -27.73 -18.55 -1.97
N ARG C 28 -29.01 -18.43 -2.31
CA ARG C 28 -30.01 -19.38 -1.84
C ARG C 28 -29.63 -20.81 -2.23
N ASP C 29 -29.20 -21.01 -3.48
CA ASP C 29 -28.87 -22.35 -3.92
C ASP C 29 -27.61 -22.87 -3.25
N LEU C 30 -26.64 -21.98 -2.96
CA LEU C 30 -25.47 -22.39 -2.19
C LEU C 30 -25.86 -22.78 -0.77
N LEU C 31 -26.71 -21.98 -0.13
CA LEU C 31 -27.13 -22.28 1.24
C LEU C 31 -27.89 -23.60 1.30
N ASP C 32 -28.78 -23.85 0.34
CA ASP C 32 -29.52 -25.11 0.35
C ASP C 32 -28.61 -26.29 0.11
N THR C 33 -27.57 -26.11 -0.71
CA THR C 33 -26.62 -27.19 -0.92
C THR C 33 -25.78 -27.43 0.33
N ALA C 34 -25.33 -26.37 0.99
CA ALA C 34 -24.61 -26.53 2.25
C ALA C 34 -25.45 -27.29 3.26
N ALA C 35 -26.74 -26.97 3.36
CA ALA C 35 -27.63 -27.69 4.28
C ALA C 35 -27.81 -29.16 3.86
N ALA C 36 -27.99 -29.42 2.57
CA ALA C 36 -28.20 -30.79 2.11
C ALA C 36 -26.99 -31.66 2.41
N LEU C 37 -25.78 -31.10 2.31
CA LEU C 37 -24.56 -31.90 2.42
C LEU C 37 -23.87 -31.81 3.77
N TYR C 38 -23.99 -30.69 4.47
CA TYR C 38 -23.15 -30.41 5.62
C TYR C 38 -23.91 -29.92 6.85
N ARG C 39 -25.24 -30.02 6.86
CA ARG C 39 -26.02 -29.43 7.96
C ARG C 39 -25.57 -29.96 9.32
N ASP C 40 -25.45 -31.28 9.45
CA ASP C 40 -25.10 -31.87 10.74
C ASP C 40 -23.72 -31.42 11.20
N ALA C 41 -22.74 -31.43 10.30
CA ALA C 41 -21.41 -30.97 10.68
C ALA C 41 -21.45 -29.49 11.08
N LEU C 42 -22.15 -28.66 10.29
CA LEU C 42 -22.19 -27.23 10.54
C LEU C 42 -22.88 -26.90 11.86
N GLU C 43 -23.89 -27.67 12.25
CA GLU C 43 -24.63 -27.44 13.49
C GLU C 43 -24.01 -28.15 14.69
N SER C 44 -22.90 -28.87 14.50
CA SER C 44 -22.33 -29.68 15.56
C SER C 44 -21.43 -28.85 16.47
N PRO C 45 -21.14 -29.36 17.67
CA PRO C 45 -20.20 -28.68 18.58
C PRO C 45 -18.74 -28.89 18.22
N GLU C 46 -18.43 -29.51 17.08
CA GLU C 46 -17.05 -29.75 16.67
C GLU C 46 -16.64 -28.73 15.62
N HIS C 47 -15.38 -28.26 15.70
CA HIS C 47 -14.87 -27.36 14.68
C HIS C 47 -14.98 -27.98 13.30
N CYS C 48 -14.61 -29.26 13.18
CA CYS C 48 -14.58 -30.05 11.94
C CYS C 48 -13.43 -29.63 11.03
N SER C 49 -13.38 -28.38 10.60
CA SER C 49 -12.29 -27.88 9.76
C SER C 49 -12.37 -26.36 9.73
N PRO C 50 -11.28 -25.68 9.37
CA PRO C 50 -11.37 -24.23 9.17
C PRO C 50 -12.41 -23.83 8.14
N HIS C 51 -12.63 -24.64 7.10
CA HIS C 51 -13.67 -24.31 6.14
C HIS C 51 -15.04 -24.32 6.81
N HIS C 52 -15.29 -25.29 7.70
CA HIS C 52 -16.55 -25.33 8.42
C HIS C 52 -16.72 -24.09 9.30
N THR C 53 -15.66 -23.72 10.02
CA THR C 53 -15.74 -22.54 10.87
C THR C 53 -16.07 -21.30 10.05
N ALA C 54 -15.37 -21.12 8.92
CA ALA C 54 -15.64 -19.94 8.08
C ALA C 54 -17.03 -20.01 7.50
N LEU C 55 -17.45 -21.20 7.06
CA LEU C 55 -18.75 -21.34 6.41
C LEU C 55 -19.88 -21.04 7.41
N ARG C 56 -19.74 -21.51 8.66
CA ARG C 56 -20.71 -21.16 9.70
C ARG C 56 -20.91 -19.65 9.79
N GLN C 57 -19.80 -18.88 9.84
CA GLN C 57 -19.94 -17.44 10.00
C GLN C 57 -20.60 -16.82 8.78
N ALA C 58 -20.25 -17.30 7.57
CA ALA C 58 -20.81 -16.71 6.35
C ALA C 58 -22.32 -16.91 6.29
N ILE C 59 -22.78 -18.10 6.67
CA ILE C 59 -24.21 -18.39 6.69
C ILE C 59 -24.94 -17.44 7.62
N LEU C 60 -24.42 -17.27 8.84
CA LEU C 60 -25.03 -16.36 9.79
C LEU C 60 -24.94 -14.91 9.30
N CYS C 61 -23.82 -14.55 8.68
CA CYS C 61 -23.70 -13.18 8.18
C CYS C 61 -24.76 -12.88 7.11
N TRP C 62 -25.01 -13.84 6.21
CA TRP C 62 -26.05 -13.62 5.22
C TRP C 62 -27.41 -13.39 5.87
N GLY C 63 -27.70 -14.15 6.93
CA GLY C 63 -28.92 -13.91 7.69
C GLY C 63 -28.99 -12.50 8.24
N ASP C 64 -27.88 -12.00 8.79
CA ASP C 64 -27.82 -10.61 9.29
C ASP C 64 -28.11 -9.63 8.16
N LEU C 65 -27.48 -9.84 7.01
CA LEU C 65 -27.61 -8.90 5.90
C LEU C 65 -29.03 -8.88 5.35
N MET C 66 -29.65 -10.05 5.21
CA MET C 66 -30.98 -10.08 4.58
C MET C 66 -32.05 -9.51 5.52
N THR C 67 -31.94 -9.74 6.82
CA THR C 67 -32.89 -9.10 7.73
C THR C 67 -32.73 -7.58 7.73
N LEU C 68 -31.49 -7.09 7.67
CA LEU C 68 -31.29 -5.65 7.55
C LEU C 68 -31.91 -5.15 6.25
N ALA C 69 -31.62 -5.82 5.13
CA ALA C 69 -32.18 -5.40 3.84
C ALA C 69 -33.70 -5.53 3.85
N THR C 70 -34.23 -6.57 4.49
CA THR C 70 -35.68 -6.71 4.60
C THR C 70 -36.27 -5.57 5.39
N TRP C 71 -35.67 -5.25 6.54
CA TRP C 71 -36.20 -4.16 7.36
C TRP C 71 -36.18 -2.85 6.58
N VAL C 72 -35.10 -2.60 5.84
CA VAL C 72 -35.05 -1.41 4.99
C VAL C 72 -36.09 -1.48 3.90
N GLY C 73 -36.19 -2.63 3.22
CA GLY C 73 -37.13 -2.78 2.12
C GLY C 73 -38.59 -2.69 2.54
N THR C 74 -38.93 -3.33 3.66
CA THR C 74 -40.32 -3.29 4.12
C THR C 74 -40.73 -1.92 4.64
N ASN C 75 -39.77 -1.07 5.01
CA ASN C 75 -40.06 0.27 5.49
C ASN C 75 -39.79 1.35 4.45
N LEU C 76 -39.52 0.97 3.19
CA LEU C 76 -39.26 1.96 2.16
C LEU C 76 -40.56 2.36 1.45
N GLU C 77 -40.59 3.62 1.05
CA GLU C 77 -41.85 4.27 0.72
C GLU C 77 -42.38 3.82 -0.64
N ASP C 78 -41.50 3.73 -1.64
CA ASP C 78 -41.84 3.50 -3.03
C ASP C 78 -41.17 2.22 -3.51
N PRO C 79 -41.90 1.36 -4.25
CA PRO C 79 -41.27 0.13 -4.76
C PRO C 79 -40.00 0.34 -5.56
N ALA C 80 -39.88 1.47 -6.27
CA ALA C 80 -38.69 1.69 -7.09
C ALA C 80 -37.41 1.61 -6.27
N SER C 81 -37.44 2.15 -5.04
CA SER C 81 -36.29 2.08 -4.15
C SER C 81 -36.20 0.74 -3.44
N ARG C 82 -37.34 0.09 -3.16
CA ARG C 82 -37.32 -1.30 -2.76
C ARG C 82 -36.56 -2.13 -3.80
N ASP C 83 -36.82 -1.87 -5.08
CA ASP C 83 -36.04 -2.48 -6.14
C ASP C 83 -34.58 -2.07 -6.06
N LEU C 84 -34.30 -0.87 -5.57
CA LEU C 84 -32.91 -0.41 -5.47
C LEU C 84 -32.14 -1.20 -4.42
N VAL C 85 -32.78 -1.50 -3.29
CA VAL C 85 -32.13 -2.32 -2.26
C VAL C 85 -31.80 -3.71 -2.80
N VAL C 86 -32.77 -4.33 -3.47
CA VAL C 86 -32.54 -5.65 -4.06
C VAL C 86 -31.41 -5.59 -5.07
N SER C 87 -31.42 -4.56 -5.93
CA SER C 87 -30.36 -4.41 -6.92
C SER C 87 -28.99 -4.25 -6.27
N TYR C 88 -28.92 -3.48 -5.18
CA TYR C 88 -27.65 -3.36 -4.46
C TYR C 88 -27.19 -4.71 -3.95
N VAL C 89 -28.09 -5.49 -3.36
CA VAL C 89 -27.73 -6.83 -2.89
C VAL C 89 -27.24 -7.67 -4.06
N ASN C 90 -27.97 -7.64 -5.18
CA ASN C 90 -27.60 -8.46 -6.32
C ASN C 90 -26.22 -8.09 -6.86
N THR C 91 -25.93 -6.79 -6.98
CA THR C 91 -24.70 -6.32 -7.61
C THR C 91 -23.49 -6.43 -6.69
N ASN C 92 -23.65 -6.11 -5.40
CA ASN C 92 -22.52 -5.98 -4.50
C ASN C 92 -22.43 -7.14 -3.51
N VAL C 93 -23.24 -7.15 -2.46
CA VAL C 93 -22.90 -8.09 -1.39
C VAL C 93 -23.35 -9.50 -1.72
N GLY C 94 -24.36 -9.66 -2.57
CA GLY C 94 -24.73 -10.98 -3.04
C GLY C 94 -23.61 -11.64 -3.84
N LEU C 95 -22.93 -10.87 -4.69
CA LEU C 95 -21.83 -11.44 -5.46
C LEU C 95 -20.69 -11.88 -4.53
N LYS C 96 -20.37 -11.06 -3.54
CA LYS C 96 -19.32 -11.43 -2.58
C LYS C 96 -19.64 -12.76 -1.91
N PHE C 97 -20.88 -12.93 -1.46
CA PHE C 97 -21.25 -14.16 -0.75
C PHE C 97 -21.40 -15.36 -1.67
N ARG C 98 -21.76 -15.13 -2.93
CA ARG C 98 -21.79 -16.25 -3.88
C ARG C 98 -20.38 -16.77 -4.08
N GLN C 99 -19.41 -15.88 -4.27
CA GLN C 99 -18.03 -16.32 -4.37
C GLN C 99 -17.60 -17.07 -3.12
N LEU C 100 -17.90 -16.53 -1.94
CA LEU C 100 -17.39 -17.06 -0.68
C LEU C 100 -18.04 -18.41 -0.33
N LEU C 101 -19.37 -18.48 -0.41
CA LEU C 101 -20.05 -19.75 -0.13
C LEU C 101 -19.64 -20.83 -1.12
N TRP C 102 -19.53 -20.46 -2.40
CA TRP C 102 -19.12 -21.45 -3.40
C TRP C 102 -17.73 -21.98 -3.08
N PHE C 103 -16.80 -21.07 -2.76
CA PHE C 103 -15.44 -21.47 -2.47
C PHE C 103 -15.39 -22.47 -1.33
N HIS C 104 -16.06 -22.17 -0.21
CA HIS C 104 -15.96 -23.06 0.93
C HIS C 104 -16.68 -24.39 0.67
N ILE C 105 -17.87 -24.35 0.09
CA ILE C 105 -18.59 -25.60 -0.17
C ILE C 105 -17.81 -26.46 -1.15
N SER C 106 -17.26 -25.84 -2.20
CA SER C 106 -16.50 -26.61 -3.18
C SER C 106 -15.22 -27.18 -2.57
N CYS C 107 -14.52 -26.38 -1.76
CA CYS C 107 -13.31 -26.89 -1.11
C CYS C 107 -13.63 -28.08 -0.20
N LEU C 108 -14.75 -28.02 0.52
CA LEU C 108 -15.13 -29.15 1.37
C LEU C 108 -15.39 -30.41 0.56
N THR C 109 -15.76 -30.28 -0.70
CA THR C 109 -16.05 -31.46 -1.50
C THR C 109 -14.82 -31.91 -2.30
N PHE C 110 -14.09 -30.98 -2.90
CA PHE C 110 -13.04 -31.32 -3.86
C PHE C 110 -11.62 -31.01 -3.38
N GLY C 111 -11.45 -30.26 -2.31
CA GLY C 111 -10.11 -29.85 -1.92
C GLY C 111 -9.66 -28.58 -2.62
N ARG C 112 -8.78 -27.85 -1.94
CA ARG C 112 -8.38 -26.51 -2.39
C ARG C 112 -7.76 -26.54 -3.78
N GLU C 113 -6.81 -27.45 -4.01
CA GLU C 113 -6.08 -27.44 -5.27
C GLU C 113 -7.01 -27.68 -6.47
N THR C 114 -7.95 -28.63 -6.35
CA THR C 114 -8.90 -28.85 -7.43
C THR C 114 -9.76 -27.62 -7.69
N VAL C 115 -10.20 -26.97 -6.61
CA VAL C 115 -11.06 -25.80 -6.75
C VAL C 115 -10.29 -24.67 -7.43
N LEU C 116 -9.06 -24.40 -6.98
CA LEU C 116 -8.31 -23.31 -7.57
C LEU C 116 -8.00 -23.57 -9.03
N GLU C 117 -7.69 -24.83 -9.36
CA GLU C 117 -7.44 -25.17 -10.76
C GLU C 117 -8.69 -24.98 -11.60
N TYR C 118 -9.85 -25.35 -11.04
CA TYR C 118 -11.10 -25.20 -11.77
C TYR C 118 -11.44 -23.73 -12.00
N LEU C 119 -11.19 -22.89 -11.00
CA LEU C 119 -11.38 -21.45 -11.16
C LEU C 119 -10.64 -20.95 -12.38
N VAL C 120 -9.37 -21.34 -12.50
CA VAL C 120 -8.57 -20.90 -13.64
C VAL C 120 -9.12 -21.48 -14.94
N SER C 121 -9.45 -22.78 -14.93
CA SER C 121 -9.95 -23.44 -16.14
C SER C 121 -11.20 -22.75 -16.66
N PHE C 122 -12.18 -22.51 -15.78
CA PHE C 122 -13.40 -21.85 -16.25
C PHE C 122 -13.14 -20.41 -16.67
N GLY C 123 -12.35 -19.68 -15.88
CA GLY C 123 -12.06 -18.29 -16.22
C GLY C 123 -11.41 -18.14 -17.58
N VAL C 124 -10.55 -19.10 -17.96
CA VAL C 124 -9.94 -19.08 -19.29
C VAL C 124 -10.95 -19.51 -20.36
N TRP C 125 -11.74 -20.55 -20.09
CA TRP C 125 -12.73 -20.98 -21.07
C TRP C 125 -13.71 -19.86 -21.40
N ILE C 126 -14.23 -19.18 -20.38
CA ILE C 126 -15.29 -18.20 -20.65
C ILE C 126 -14.74 -16.99 -21.39
N ARG C 127 -13.42 -16.75 -21.29
CA ARG C 127 -12.79 -15.66 -22.02
C ARG C 127 -12.37 -16.04 -23.42
N THR C 128 -12.47 -17.33 -23.76
CA THR C 128 -12.24 -17.73 -25.14
C THR C 128 -13.51 -17.46 -25.95
N PRO C 129 -13.41 -16.89 -27.16
CA PRO C 129 -14.63 -16.55 -27.90
C PRO C 129 -15.49 -17.78 -28.12
N PRO C 130 -16.82 -17.63 -27.98
CA PRO C 130 -17.69 -18.83 -28.03
C PRO C 130 -17.52 -19.64 -29.29
N ALA C 131 -17.32 -18.97 -30.43
CA ALA C 131 -17.19 -19.71 -31.66
C ALA C 131 -15.85 -20.41 -31.82
N ALA C 132 -14.89 -20.17 -30.91
CA ALA C 132 -13.56 -20.76 -31.01
C ALA C 132 -13.25 -21.77 -29.93
N ARG C 133 -14.16 -22.00 -28.99
CA ARG C 133 -13.85 -22.78 -27.80
C ARG C 133 -14.68 -24.06 -27.79
N PRO C 134 -14.34 -25.03 -26.94
CA PRO C 134 -15.18 -26.23 -26.81
C PRO C 134 -16.58 -25.84 -26.39
N PRO C 135 -17.58 -26.54 -26.91
CA PRO C 135 -18.97 -26.14 -26.67
C PRO C 135 -19.39 -26.20 -25.23
N ASN C 136 -18.83 -27.12 -24.46
CA ASN C 136 -19.21 -27.29 -23.06
C ASN C 136 -18.14 -26.72 -22.13
N ALA C 137 -18.59 -26.29 -20.95
CA ALA C 137 -17.69 -25.74 -19.98
C ALA C 137 -16.79 -26.83 -19.40
N PRO C 138 -15.63 -26.48 -18.86
CA PRO C 138 -14.85 -27.44 -18.09
C PRO C 138 -15.67 -27.93 -16.91
N ILE C 139 -15.30 -29.09 -16.38
CA ILE C 139 -16.08 -29.78 -15.34
C ILE C 139 -15.29 -29.80 -14.04
N LEU C 140 -15.98 -29.49 -12.94
CA LEU C 140 -15.40 -29.56 -11.60
C LEU C 140 -15.55 -30.99 -11.10
N SER C 141 -14.44 -31.69 -10.88
CA SER C 141 -14.52 -33.08 -10.44
C SER C 141 -13.23 -33.47 -9.72
N THR C 142 -13.29 -34.57 -8.98
CA THR C 142 -12.14 -35.00 -8.20
C THR C 142 -11.08 -35.64 -9.07
N GLU C 150 -13.70 -58.52 -1.48
CA GLU C 150 -14.70 -57.92 -0.59
C GLU C 150 -14.03 -57.22 0.59
N ASN C 151 -14.88 -56.69 1.49
CA ASN C 151 -14.43 -56.44 2.84
C ASN C 151 -14.10 -57.74 3.55
N LEU C 152 -14.72 -58.84 3.12
CA LEU C 152 -14.57 -60.14 3.76
C LEU C 152 -13.40 -60.94 3.23
N TYR C 153 -13.01 -60.73 1.96
CA TYR C 153 -11.86 -61.46 1.45
C TYR C 153 -10.57 -61.09 2.18
N PHE C 154 -10.45 -59.83 2.62
CA PHE C 154 -9.24 -59.37 3.27
C PHE C 154 -9.29 -59.49 4.79
N GLN C 155 -10.29 -60.18 5.32
CA GLN C 155 -10.39 -60.41 6.76
C GLN C 155 -9.23 -61.26 7.29
N MET D 1 -30.77 -23.33 7.94
CA MET D 1 -29.95 -23.92 9.00
C MET D 1 -30.00 -23.07 10.26
N ASP D 2 -29.87 -23.71 11.42
CA ASP D 2 -29.87 -23.01 12.70
C ASP D 2 -28.51 -23.24 13.35
N ILE D 3 -27.58 -22.31 13.11
CA ILE D 3 -26.23 -22.42 13.61
C ILE D 3 -26.04 -21.45 14.77
N ASP D 4 -25.48 -21.94 15.87
CA ASP D 4 -25.08 -21.11 17.00
C ASP D 4 -23.60 -20.84 16.85
N PRO D 5 -23.17 -19.59 16.63
CA PRO D 5 -21.75 -19.32 16.35
C PRO D 5 -20.83 -19.65 17.52
N TYR D 6 -21.38 -19.81 18.73
CA TYR D 6 -20.58 -20.14 19.90
C TYR D 6 -20.44 -21.63 20.12
N LYS D 7 -21.24 -22.46 19.45
CA LYS D 7 -21.33 -23.86 19.86
C LYS D 7 -20.00 -24.59 19.66
N GLU D 8 -19.33 -24.36 18.52
CA GLU D 8 -18.04 -25.00 18.31
C GLU D 8 -16.98 -24.45 19.27
N PHE D 9 -17.27 -23.37 19.99
CA PHE D 9 -16.34 -22.80 20.96
C PHE D 9 -16.76 -23.05 22.40
N GLY D 10 -17.70 -23.96 22.63
CA GLY D 10 -18.07 -24.34 23.97
C GLY D 10 -19.00 -23.39 24.68
N ALA D 11 -19.73 -22.55 23.96
CA ALA D 11 -20.69 -21.65 24.57
C ALA D 11 -21.94 -21.61 23.71
N THR D 12 -22.86 -20.71 24.05
CA THR D 12 -24.11 -20.57 23.34
C THR D 12 -24.51 -19.11 23.30
N VAL D 13 -25.41 -18.79 22.37
CA VAL D 13 -25.99 -17.45 22.32
C VAL D 13 -26.65 -17.12 23.66
N GLU D 14 -27.35 -18.09 24.25
CA GLU D 14 -28.05 -17.85 25.52
C GLU D 14 -27.07 -17.48 26.63
N LEU D 15 -25.89 -18.11 26.63
CA LEU D 15 -24.91 -17.81 27.66
C LEU D 15 -24.36 -16.39 27.50
N LEU D 16 -23.99 -15.98 26.26
CA LEU D 16 -23.54 -14.61 26.05
C LEU D 16 -24.63 -13.61 26.43
N SER D 17 -25.90 -13.96 26.24
N SER D 17 -25.90 -14.00 26.26
CA SER D 17 -26.94 -13.02 26.60
CA SER D 17 -27.04 -13.16 26.62
C SER D 17 -27.15 -12.91 28.11
C SER D 17 -27.09 -12.88 28.11
N PHE D 18 -26.43 -13.70 28.91
CA PHE D 18 -26.43 -13.51 30.37
C PHE D 18 -25.73 -12.21 30.74
N LEU D 19 -24.95 -11.66 29.85
CA LEU D 19 -24.28 -10.41 30.17
C LEU D 19 -25.12 -9.23 29.67
N PRO D 20 -25.26 -8.18 30.47
CA PRO D 20 -26.01 -7.01 30.01
C PRO D 20 -25.27 -6.30 28.89
N SER D 21 -26.03 -5.57 28.08
CA SER D 21 -25.42 -4.94 26.92
C SER D 21 -24.35 -3.94 27.31
N ASP D 22 -24.52 -3.28 28.48
CA ASP D 22 -23.55 -2.30 28.96
C ASP D 22 -22.21 -2.91 29.33
N PHE D 23 -22.15 -4.22 29.49
CA PHE D 23 -20.89 -4.91 29.79
C PHE D 23 -19.90 -4.77 28.64
N PHE D 24 -20.40 -4.73 27.39
CA PHE D 24 -19.50 -4.86 26.26
C PHE D 24 -18.98 -3.51 25.79
N PRO D 25 -17.71 -3.44 25.37
CA PRO D 25 -17.25 -2.28 24.60
C PRO D 25 -18.06 -2.18 23.30
N SER D 26 -17.95 -1.01 22.66
CA SER D 26 -18.58 -0.82 21.35
C SER D 26 -17.88 -1.69 20.29
N VAL D 27 -18.57 -1.89 19.15
CA VAL D 27 -17.94 -2.63 18.07
C VAL D 27 -16.63 -1.95 17.67
N ARG D 28 -16.66 -0.63 17.53
CA ARG D 28 -15.45 0.08 17.10
C ARG D 28 -14.30 -0.16 18.07
N ASP D 29 -14.57 -0.11 19.37
CA ASP D 29 -13.50 -0.31 20.33
C ASP D 29 -13.01 -1.76 20.31
N LEU D 30 -13.91 -2.72 20.08
CA LEU D 30 -13.49 -4.11 19.93
C LEU D 30 -12.63 -4.29 18.69
N LEU D 31 -13.06 -3.69 17.58
CA LEU D 31 -12.29 -3.79 16.33
C LEU D 31 -10.93 -3.14 16.48
N ASP D 32 -10.88 -1.97 17.14
CA ASP D 32 -9.59 -1.31 17.32
C ASP D 32 -8.67 -2.13 18.22
N THR D 33 -9.24 -2.81 19.22
CA THR D 33 -8.44 -3.68 20.07
C THR D 33 -7.97 -4.93 19.31
N ALA D 34 -8.85 -5.53 18.50
CA ALA D 34 -8.42 -6.67 17.70
C ALA D 34 -7.24 -6.30 16.82
N ALA D 35 -7.27 -5.11 16.23
CA ALA D 35 -6.15 -4.66 15.40
C ALA D 35 -4.89 -4.42 16.25
N ALA D 36 -5.04 -3.76 17.40
CA ALA D 36 -3.87 -3.46 18.22
C ALA D 36 -3.16 -4.73 18.66
N LEU D 37 -3.93 -5.79 18.94
CA LEU D 37 -3.37 -7.01 19.53
C LEU D 37 -3.13 -8.14 18.53
N TYR D 38 -3.92 -8.23 17.47
CA TYR D 38 -3.90 -9.42 16.63
C TYR D 38 -3.84 -9.14 15.13
N ARG D 39 -3.58 -7.89 14.73
CA ARG D 39 -3.59 -7.56 13.30
C ARG D 39 -2.72 -8.51 12.47
N ASP D 40 -1.47 -8.72 12.90
CA ASP D 40 -0.57 -9.53 12.08
C ASP D 40 -1.12 -10.95 11.90
N ALA D 41 -1.58 -11.57 12.99
CA ALA D 41 -2.12 -12.93 12.89
C ALA D 41 -3.37 -12.96 12.02
N LEU D 42 -4.27 -12.00 12.24
CA LEU D 42 -5.54 -11.99 11.51
C LEU D 42 -5.31 -11.80 10.01
N GLU D 43 -4.30 -11.04 9.64
CA GLU D 43 -3.98 -10.80 8.24
C GLU D 43 -3.02 -11.83 7.65
N SER D 44 -2.61 -12.84 8.43
CA SER D 44 -1.60 -13.78 7.96
C SER D 44 -2.21 -14.88 7.10
N PRO D 45 -1.38 -15.60 6.33
CA PRO D 45 -1.88 -16.74 5.56
C PRO D 45 -2.09 -18.01 6.37
N GLU D 46 -1.94 -17.97 7.68
CA GLU D 46 -2.10 -19.15 8.53
C GLU D 46 -3.44 -19.10 9.24
N HIS D 47 -4.07 -20.27 9.40
CA HIS D 47 -5.32 -20.35 10.16
C HIS D 47 -5.14 -19.77 11.56
N CYS D 48 -4.01 -20.09 12.20
CA CYS D 48 -3.68 -19.74 13.59
C CYS D 48 -4.54 -20.51 14.58
N SER D 49 -5.84 -20.35 14.53
CA SER D 49 -6.73 -21.08 15.42
C SER D 49 -8.16 -20.93 14.91
N PRO D 50 -9.07 -21.82 15.35
CA PRO D 50 -10.49 -21.61 15.02
C PRO D 50 -11.03 -20.25 15.48
N HIS D 51 -10.56 -19.73 16.62
CA HIS D 51 -10.99 -18.39 17.03
C HIS D 51 -10.53 -17.33 16.02
N HIS D 52 -9.31 -17.45 15.50
CA HIS D 52 -8.84 -16.51 14.48
C HIS D 52 -9.70 -16.58 13.23
N THR D 53 -10.00 -17.80 12.77
CA THR D 53 -10.83 -17.94 11.57
C THR D 53 -12.19 -17.28 11.79
N ALA D 54 -12.82 -17.55 12.93
CA ALA D 54 -14.13 -16.94 13.19
C ALA D 54 -14.03 -15.43 13.31
N LEU D 55 -13.02 -14.95 14.03
CA LEU D 55 -12.89 -13.51 14.23
C LEU D 55 -12.67 -12.80 12.89
N ARG D 56 -11.87 -13.38 12.00
CA ARG D 56 -11.71 -12.83 10.66
C ARG D 56 -13.07 -12.62 9.98
N GLN D 57 -13.95 -13.62 10.01
CA GLN D 57 -15.23 -13.48 9.34
C GLN D 57 -16.10 -12.41 10.01
N ALA D 58 -16.06 -12.35 11.34
CA ALA D 58 -16.88 -11.38 12.07
C ALA D 58 -16.50 -9.95 11.72
N ILE D 59 -15.20 -9.69 11.65
CA ILE D 59 -14.70 -8.37 11.26
C ILE D 59 -15.20 -8.00 9.87
N LEU D 60 -15.08 -8.93 8.92
CA LEU D 60 -15.52 -8.66 7.55
C LEU D 60 -17.04 -8.52 7.48
N CYS D 61 -17.77 -9.34 8.24
CA CYS D 61 -19.24 -9.24 8.24
C CYS D 61 -19.69 -7.88 8.73
N TRP D 62 -19.07 -7.36 9.80
CA TRP D 62 -19.44 -6.03 10.26
C TRP D 62 -19.22 -5.02 9.16
N GLY D 63 -18.12 -5.15 8.42
CA GLY D 63 -17.89 -4.28 7.27
C GLY D 63 -19.01 -4.37 6.25
N ASP D 64 -19.47 -5.61 5.95
CA ASP D 64 -20.59 -5.77 5.02
C ASP D 64 -21.82 -5.05 5.54
N LEU D 65 -22.13 -5.23 6.83
CA LEU D 65 -23.33 -4.64 7.39
C LEU D 65 -23.29 -3.12 7.37
N MET D 66 -22.14 -2.54 7.75
CA MET D 66 -22.05 -1.08 7.80
C MET D 66 -22.03 -0.49 6.39
N THR D 67 -21.42 -1.19 5.43
CA THR D 67 -21.44 -0.72 4.05
C THR D 67 -22.86 -0.71 3.50
N LEU D 68 -23.64 -1.75 3.79
CA LEU D 68 -25.05 -1.74 3.39
C LEU D 68 -25.81 -0.64 4.12
N ALA D 69 -25.63 -0.55 5.44
CA ALA D 69 -26.35 0.48 6.19
C ALA D 69 -25.95 1.88 5.74
N THR D 70 -24.67 2.08 5.42
CA THR D 70 -24.25 3.38 4.91
C THR D 70 -24.88 3.69 3.57
N TRP D 71 -24.86 2.72 2.64
CA TRP D 71 -25.43 2.97 1.32
C TRP D 71 -26.92 3.28 1.43
N VAL D 72 -27.63 2.58 2.32
CA VAL D 72 -29.03 2.91 2.56
C VAL D 72 -29.15 4.29 3.20
N GLY D 73 -28.31 4.57 4.19
CA GLY D 73 -28.40 5.85 4.89
C GLY D 73 -28.08 7.04 4.02
N THR D 74 -26.98 6.96 3.26
CA THR D 74 -26.58 8.10 2.42
C THR D 74 -27.51 8.31 1.24
N ASN D 75 -28.29 7.29 0.85
CA ASN D 75 -29.19 7.43 -0.28
C ASN D 75 -30.63 7.68 0.18
N LEU D 76 -30.83 7.88 1.48
CA LEU D 76 -32.07 8.33 2.09
C LEU D 76 -31.91 9.80 2.43
N GLU D 77 -32.73 10.67 1.82
CA GLU D 77 -32.50 12.10 2.03
C GLU D 77 -33.04 12.60 3.36
N ASP D 78 -34.16 12.07 3.84
CA ASP D 78 -34.72 12.55 5.10
C ASP D 78 -33.78 12.23 6.25
N PRO D 79 -33.29 13.24 7.00
CA PRO D 79 -32.28 12.96 8.03
C PRO D 79 -32.80 12.14 9.19
N ALA D 80 -34.08 12.29 9.56
CA ALA D 80 -34.63 11.49 10.65
C ALA D 80 -34.58 10.01 10.33
N SER D 81 -34.78 9.66 9.05
CA SER D 81 -34.78 8.25 8.66
C SER D 81 -33.36 7.67 8.65
N ARG D 82 -32.34 8.50 8.38
CA ARG D 82 -30.97 8.05 8.56
C ARG D 82 -30.71 7.65 10.01
N ASP D 83 -31.24 8.44 10.96
CA ASP D 83 -31.10 8.08 12.36
C ASP D 83 -31.87 6.81 12.71
N LEU D 84 -32.89 6.47 11.94
CA LEU D 84 -33.58 5.19 12.14
C LEU D 84 -32.69 4.02 11.81
N VAL D 85 -31.92 4.12 10.72
CA VAL D 85 -30.98 3.06 10.35
C VAL D 85 -29.95 2.85 11.46
N VAL D 86 -29.38 3.96 11.96
CA VAL D 86 -28.40 3.87 13.03
C VAL D 86 -28.99 3.22 14.27
N SER D 87 -30.21 3.62 14.64
CA SER D 87 -30.83 3.07 15.84
C SER D 87 -31.09 1.58 15.67
N TYR D 88 -31.49 1.15 14.47
CA TYR D 88 -31.70 -0.26 14.20
C TYR D 88 -30.38 -1.04 14.37
N VAL D 89 -29.29 -0.51 13.83
CA VAL D 89 -28.00 -1.16 14.02
C VAL D 89 -27.64 -1.24 15.50
N ASN D 90 -27.81 -0.13 16.23
CA ASN D 90 -27.47 -0.12 17.64
C ASN D 90 -28.31 -1.11 18.42
N THR D 91 -29.60 -1.17 18.13
CA THR D 91 -30.52 -1.99 18.91
C THR D 91 -30.36 -3.48 18.62
N ASN D 92 -30.17 -3.84 17.36
CA ASN D 92 -30.26 -5.24 16.97
C ASN D 92 -28.87 -5.85 16.69
N VAL D 93 -28.21 -5.43 15.61
CA VAL D 93 -27.07 -6.22 15.18
C VAL D 93 -25.79 -5.76 15.88
N GLY D 94 -25.76 -4.54 16.40
CA GLY D 94 -24.60 -4.11 17.17
C GLY D 94 -24.36 -4.95 18.41
N LEU D 95 -25.43 -5.26 19.15
CA LEU D 95 -25.24 -6.07 20.35
C LEU D 95 -24.75 -7.46 19.99
N LYS D 96 -25.33 -8.07 18.95
CA LYS D 96 -24.86 -9.40 18.53
C LYS D 96 -23.36 -9.39 18.24
N PHE D 97 -22.86 -8.37 17.55
CA PHE D 97 -21.43 -8.35 17.21
C PHE D 97 -20.54 -7.92 18.36
N ARG D 98 -21.08 -7.12 19.28
CA ARG D 98 -20.31 -6.80 20.49
C ARG D 98 -20.07 -8.07 21.30
N GLN D 99 -21.12 -8.89 21.49
CA GLN D 99 -20.94 -10.17 22.14
C GLN D 99 -19.91 -11.02 21.42
N LEU D 100 -20.04 -11.13 20.09
CA LEU D 100 -19.23 -12.07 19.32
C LEU D 100 -17.76 -11.65 19.28
N LEU D 101 -17.51 -10.38 18.95
CA LEU D 101 -16.14 -9.89 18.90
C LEU D 101 -15.50 -9.95 20.29
N TRP D 102 -16.26 -9.58 21.32
CA TRP D 102 -15.70 -9.64 22.68
C TRP D 102 -15.31 -11.06 23.01
N PHE D 103 -16.19 -12.02 22.70
CA PHE D 103 -15.91 -13.42 23.00
C PHE D 103 -14.61 -13.89 22.34
N HIS D 104 -14.47 -13.66 21.03
CA HIS D 104 -13.30 -14.19 20.34
C HIS D 104 -12.02 -13.48 20.78
N ILE D 105 -12.05 -12.14 20.91
CA ILE D 105 -10.86 -11.40 21.32
C ILE D 105 -10.44 -11.81 22.73
N SER D 106 -11.42 -11.96 23.63
CA SER D 106 -11.12 -12.37 25.00
C SER D 106 -10.58 -13.79 25.03
N CYS D 107 -11.20 -14.71 24.27
CA CYS D 107 -10.70 -16.09 24.24
C CYS D 107 -9.28 -16.18 23.74
N LEU D 108 -8.93 -15.37 22.73
CA LEU D 108 -7.56 -15.39 22.22
C LEU D 108 -6.56 -14.94 23.27
N THR D 109 -6.99 -14.10 24.21
CA THR D 109 -6.07 -13.62 25.23
C THR D 109 -6.05 -14.50 26.47
N PHE D 110 -7.22 -14.94 26.94
CA PHE D 110 -7.32 -15.62 28.23
C PHE D 110 -7.69 -17.09 28.13
N GLY D 111 -8.15 -17.55 26.97
CA GLY D 111 -8.61 -18.94 26.88
C GLY D 111 -10.08 -19.09 27.24
N ARG D 112 -10.69 -20.15 26.68
CA ARG D 112 -12.14 -20.35 26.78
C ARG D 112 -12.59 -20.41 28.24
N GLU D 113 -11.93 -21.24 29.05
CA GLU D 113 -12.43 -21.48 30.41
C GLU D 113 -12.44 -20.20 31.24
N THR D 114 -11.35 -19.42 31.18
CA THR D 114 -11.30 -18.16 31.91
C THR D 114 -12.40 -17.21 31.45
N VAL D 115 -12.64 -17.15 30.15
CA VAL D 115 -13.66 -16.25 29.62
C VAL D 115 -15.05 -16.68 30.09
N LEU D 116 -15.36 -17.98 30.01
CA LEU D 116 -16.67 -18.44 30.43
C LEU D 116 -16.88 -18.26 31.92
N GLU D 117 -15.84 -18.51 32.72
CA GLU D 117 -15.96 -18.29 34.15
C GLU D 117 -16.19 -16.81 34.43
N TYR D 118 -15.53 -15.94 33.66
CA TYR D 118 -15.71 -14.51 33.87
C TYR D 118 -17.09 -14.06 33.46
N LEU D 119 -17.61 -14.58 32.35
CA LEU D 119 -18.98 -14.29 31.96
C LEU D 119 -19.93 -14.54 33.12
N VAL D 120 -19.75 -15.68 33.79
CA VAL D 120 -20.63 -16.03 34.91
C VAL D 120 -20.39 -15.08 36.07
N SER D 121 -19.11 -14.79 36.38
CA SER D 121 -18.78 -13.92 37.49
C SER D 121 -19.44 -12.55 37.34
N PHE D 122 -19.30 -11.94 36.16
CA PHE D 122 -19.90 -10.63 35.97
C PHE D 122 -21.42 -10.71 35.97
N GLY D 123 -21.99 -11.71 35.28
CA GLY D 123 -23.43 -11.80 35.24
C GLY D 123 -24.04 -11.98 36.61
N VAL D 124 -23.36 -12.69 37.49
CA VAL D 124 -23.81 -12.84 38.88
C VAL D 124 -23.62 -11.53 39.65
N TRP D 125 -22.46 -10.88 39.47
CA TRP D 125 -22.25 -9.63 40.20
C TRP D 125 -23.30 -8.59 39.82
N ILE D 126 -23.60 -8.44 38.53
CA ILE D 126 -24.49 -7.37 38.12
C ILE D 126 -25.93 -7.63 38.56
N ARG D 127 -26.27 -8.90 38.80
CA ARG D 127 -27.59 -9.26 39.29
C ARG D 127 -27.69 -9.21 40.81
N THR D 128 -26.56 -9.00 41.49
CA THR D 128 -26.60 -8.76 42.93
C THR D 128 -26.98 -7.31 43.16
N PRO D 129 -27.90 -7.01 44.09
CA PRO D 129 -28.33 -5.62 44.25
C PRO D 129 -27.15 -4.72 44.56
N PRO D 130 -27.09 -3.55 43.93
CA PRO D 130 -25.88 -2.71 44.08
C PRO D 130 -25.56 -2.38 45.52
N ALA D 131 -26.58 -2.17 46.36
CA ALA D 131 -26.28 -1.83 47.76
C ALA D 131 -25.81 -3.04 48.56
N ALA D 132 -25.85 -4.23 47.99
CA ALA D 132 -25.45 -5.45 48.70
C ALA D 132 -24.20 -6.10 48.14
N ARG D 133 -23.60 -5.53 47.08
CA ARG D 133 -22.52 -6.22 46.40
C ARG D 133 -21.21 -5.44 46.54
N PRO D 134 -20.07 -6.05 46.23
CA PRO D 134 -18.80 -5.29 46.26
C PRO D 134 -18.87 -4.12 45.29
N PRO D 135 -18.25 -2.99 45.64
CA PRO D 135 -18.41 -1.80 44.81
C PRO D 135 -17.85 -1.97 43.42
N ASN D 136 -16.79 -2.76 43.26
CA ASN D 136 -16.16 -2.91 41.97
C ASN D 136 -16.52 -4.25 41.34
N ALA D 137 -16.49 -4.27 40.01
CA ALA D 137 -16.81 -5.47 39.26
C ALA D 137 -15.72 -6.52 39.41
N PRO D 138 -16.03 -7.80 39.19
CA PRO D 138 -14.97 -8.80 39.10
C PRO D 138 -14.05 -8.46 37.94
N ILE D 139 -12.85 -9.02 37.96
CA ILE D 139 -11.79 -8.67 37.01
C ILE D 139 -11.51 -9.86 36.13
N LEU D 140 -11.40 -9.61 34.82
CA LEU D 140 -11.02 -10.64 33.87
C LEU D 140 -9.50 -10.77 33.86
N SER D 141 -9.00 -11.92 34.30
CA SER D 141 -7.56 -12.16 34.35
C SER D 141 -7.32 -13.65 34.32
N THR D 142 -6.11 -14.04 33.93
CA THR D 142 -5.78 -15.46 33.88
C THR D 142 -5.40 -15.95 35.27
N LEU D 143 -6.08 -17.02 35.73
CA LEU D 143 -5.79 -17.50 37.08
C LEU D 143 -4.60 -18.46 37.07
N PRO D 144 -3.83 -18.52 38.15
CA PRO D 144 -2.71 -19.45 38.19
C PRO D 144 -3.20 -20.89 38.29
N GLU D 145 -2.50 -21.79 37.59
CA GLU D 145 -2.86 -23.21 37.63
C GLU D 145 -2.36 -23.91 38.89
N THR D 146 -1.31 -23.38 39.52
CA THR D 146 -0.70 -24.02 40.67
C THR D 146 -0.36 -22.97 41.72
N THR D 147 -0.34 -23.40 42.98
CA THR D 147 -0.01 -22.53 44.11
C THR D 147 1.51 -22.41 44.24
N VAL D 148 1.93 -21.45 45.08
CA VAL D 148 3.35 -21.25 45.32
C VAL D 148 3.96 -22.48 45.99
N VAL D 149 3.25 -23.06 46.95
CA VAL D 149 3.76 -24.24 47.65
C VAL D 149 4.02 -25.38 46.66
N GLU D 150 3.07 -25.61 45.76
CA GLU D 150 3.25 -26.67 44.78
C GLU D 150 4.45 -26.38 43.88
N ASN D 151 4.58 -25.14 43.43
CA ASN D 151 5.70 -24.78 42.55
C ASN D 151 7.03 -25.00 43.26
N LEU D 152 7.11 -24.64 44.54
CA LEU D 152 8.35 -24.84 45.27
C LEU D 152 8.62 -26.32 45.54
N TYR D 153 7.55 -27.09 45.79
CA TYR D 153 7.72 -28.52 46.07
C TYR D 153 8.37 -29.24 44.89
N PHE D 154 8.03 -28.88 43.68
CA PHE D 154 8.59 -29.56 42.53
C PHE D 154 9.88 -28.94 42.02
N GLN D 155 10.41 -27.92 42.68
CA GLN D 155 11.73 -27.41 42.35
C GLN D 155 12.77 -28.50 42.64
N MET E 1 8.01 10.04 0.13
CA MET E 1 8.33 9.08 1.18
C MET E 1 7.21 8.94 2.18
N ASP E 2 7.18 7.79 2.85
CA ASP E 2 6.22 7.50 3.90
C ASP E 2 7.05 7.14 5.12
N ILE E 3 7.36 8.12 5.96
CA ILE E 3 8.19 7.91 7.14
C ILE E 3 7.30 7.89 8.36
N ASP E 4 7.41 6.84 9.14
CA ASP E 4 6.75 6.72 10.42
C ASP E 4 7.80 7.00 11.48
N PRO E 5 7.68 8.07 12.26
CA PRO E 5 8.75 8.41 13.22
C PRO E 5 8.94 7.39 14.33
N TYR E 6 7.98 6.50 14.54
CA TYR E 6 8.11 5.48 15.57
C TYR E 6 8.76 4.20 15.07
N LYS E 7 8.90 4.03 13.75
CA LYS E 7 9.25 2.73 13.21
C LYS E 7 10.65 2.30 13.63
N GLU E 8 11.63 3.22 13.65
CA GLU E 8 12.95 2.86 14.12
C GLU E 8 13.01 2.62 15.62
N PHE E 9 11.97 2.99 16.37
CA PHE E 9 11.88 2.71 17.80
C PHE E 9 10.92 1.56 18.12
N GLY E 10 10.60 0.73 17.14
CA GLY E 10 9.79 -0.45 17.37
C GLY E 10 8.31 -0.18 17.57
N ALA E 11 7.80 0.94 17.10
CA ALA E 11 6.39 1.25 17.25
C ALA E 11 5.88 1.84 15.95
N THR E 12 4.64 2.32 15.98
CA THR E 12 3.99 2.87 14.79
C THR E 12 3.04 3.96 15.21
N VAL E 13 2.71 4.83 14.26
N VAL E 13 2.69 4.83 14.26
CA VAL E 13 1.70 5.86 14.50
CA VAL E 13 1.71 5.87 14.54
C VAL E 13 0.39 5.22 14.95
C VAL E 13 0.37 5.25 14.93
N GLU E 14 0.01 4.11 14.30
CA GLU E 14 -1.25 3.45 14.62
C GLU E 14 -1.28 2.98 16.07
N LEU E 15 -0.15 2.51 16.59
CA LEU E 15 -0.09 2.05 17.98
C LEU E 15 -0.30 3.20 18.96
N LEU E 16 0.40 4.33 18.75
CA LEU E 16 0.20 5.50 19.58
C LEU E 16 -1.23 6.01 19.49
N SER E 17 -1.86 5.87 18.32
CA SER E 17 -3.22 6.36 18.14
C SER E 17 -4.26 5.45 18.79
N PHE E 18 -3.86 4.28 19.28
CA PHE E 18 -4.73 3.46 20.13
C PHE E 18 -5.05 4.17 21.44
N LEU E 19 -4.33 5.21 21.76
CA LEU E 19 -4.64 5.86 23.03
C LEU E 19 -5.48 7.10 22.78
N PRO E 20 -6.48 7.35 23.62
CA PRO E 20 -7.27 8.58 23.49
C PRO E 20 -6.39 9.78 23.80
N SER E 21 -6.77 10.92 23.23
CA SER E 21 -5.97 12.12 23.42
C SER E 21 -5.84 12.48 24.90
N ASP E 22 -6.89 12.21 25.69
CA ASP E 22 -6.89 12.54 27.12
C ASP E 22 -5.86 11.76 27.92
N PHE E 23 -5.33 10.67 27.37
CA PHE E 23 -4.28 9.89 28.04
C PHE E 23 -3.01 10.70 28.22
N PHE E 24 -2.69 11.52 27.26
CA PHE E 24 -1.37 12.16 27.21
C PHE E 24 -1.33 13.45 28.02
N PRO E 25 -0.22 13.70 28.72
CA PRO E 25 0.04 15.04 29.28
C PRO E 25 0.02 16.09 28.17
N SER E 26 -0.15 17.34 28.59
CA SER E 26 -0.12 18.45 27.64
C SER E 26 1.29 18.64 27.07
N VAL E 27 1.37 19.33 25.93
CA VAL E 27 2.69 19.60 25.34
C VAL E 27 3.56 20.37 26.33
N ARG E 28 2.99 21.40 26.95
CA ARG E 28 3.77 22.20 27.90
C ARG E 28 4.31 21.32 29.03
N ASP E 29 3.47 20.41 29.55
CA ASP E 29 3.93 19.58 30.65
C ASP E 29 4.96 18.55 30.20
N LEU E 30 4.85 18.05 28.96
CA LEU E 30 5.88 17.16 28.42
C LEU E 30 7.20 17.91 28.27
N LEU E 31 7.14 19.14 27.76
CA LEU E 31 8.36 19.93 27.58
C LEU E 31 8.99 20.29 28.93
N ASP E 32 8.17 20.59 29.93
CA ASP E 32 8.70 20.87 31.26
C ASP E 32 9.37 19.64 31.86
N THR E 33 8.77 18.45 31.62
CA THR E 33 9.34 17.21 32.13
C THR E 33 10.64 16.85 31.41
N ALA E 34 10.67 17.00 30.08
CA ALA E 34 11.92 16.83 29.36
C ALA E 34 13.03 17.71 29.94
N ALA E 35 12.72 18.97 30.21
CA ALA E 35 13.72 19.89 30.77
C ALA E 35 14.12 19.48 32.18
N ALA E 36 13.14 19.16 33.03
CA ALA E 36 13.45 18.80 34.41
C ALA E 36 14.32 17.55 34.48
N LEU E 37 14.09 16.59 33.59
CA LEU E 37 14.80 15.33 33.69
C LEU E 37 15.98 15.18 32.75
N TYR E 38 15.97 15.83 31.58
CA TYR E 38 16.99 15.52 30.57
C TYR E 38 17.64 16.77 29.96
N ARG E 39 17.48 17.95 30.59
CA ARG E 39 17.98 19.18 29.96
C ARG E 39 19.46 19.08 29.62
N ASP E 40 20.29 18.66 30.58
CA ASP E 40 21.73 18.61 30.34
C ASP E 40 22.08 17.68 29.20
N ALA E 41 21.46 16.49 29.15
CA ALA E 41 21.73 15.55 28.07
C ALA E 41 21.25 16.11 26.73
N LEU E 42 20.05 16.68 26.71
CA LEU E 42 19.50 17.21 25.46
C LEU E 42 20.36 18.35 24.91
N GLU E 43 20.95 19.14 25.80
CA GLU E 43 21.78 20.26 25.38
C GLU E 43 23.25 19.88 25.17
N SER E 44 23.63 18.63 25.37
CA SER E 44 25.04 18.27 25.35
C SER E 44 25.52 18.02 23.92
N PRO E 45 26.85 18.08 23.69
CA PRO E 45 27.40 17.74 22.37
C PRO E 45 27.43 16.25 22.07
N GLU E 46 26.78 15.41 22.89
CA GLU E 46 26.77 13.97 22.69
C GLU E 46 25.43 13.52 22.12
N HIS E 47 25.47 12.47 21.29
CA HIS E 47 24.21 11.90 20.80
C HIS E 47 23.36 11.37 21.93
N CYS E 48 23.99 10.70 22.89
CA CYS E 48 23.36 10.06 24.05
C CYS E 48 22.61 8.80 23.63
N SER E 49 21.60 8.94 22.77
CA SER E 49 20.85 7.79 22.28
C SER E 49 19.97 8.25 21.14
N PRO E 50 19.47 7.31 20.32
CA PRO E 50 18.50 7.70 19.29
C PRO E 50 17.28 8.40 19.85
N HIS E 51 16.84 8.03 21.06
CA HIS E 51 15.71 8.73 21.67
C HIS E 51 16.04 10.19 21.94
N HIS E 52 17.25 10.48 22.43
CA HIS E 52 17.65 11.87 22.63
C HIS E 52 17.68 12.64 21.31
N THR E 53 18.25 12.02 20.27
CA THR E 53 18.30 12.70 18.98
C THR E 53 16.89 13.03 18.49
N ALA E 54 15.99 12.04 18.53
CA ALA E 54 14.61 12.29 18.10
C ALA E 54 13.94 13.35 18.97
N LEU E 55 14.14 13.26 20.29
CA LEU E 55 13.48 14.20 21.19
C LEU E 55 13.95 15.62 20.94
N ARG E 56 15.25 15.82 20.74
CA ARG E 56 15.78 17.14 20.38
C ARG E 56 15.04 17.72 19.17
N GLN E 57 14.89 16.91 18.11
CA GLN E 57 14.23 17.42 16.91
C GLN E 57 12.76 17.73 17.18
N ALA E 58 12.08 16.88 17.96
CA ALA E 58 10.66 17.09 18.24
C ALA E 58 10.45 18.36 19.06
N ILE E 59 11.31 18.59 20.04
CA ILE E 59 11.24 19.81 20.83
C ILE E 59 11.43 21.04 19.95
N LEU E 60 12.46 21.01 19.09
CA LEU E 60 12.71 22.15 18.22
C LEU E 60 11.60 22.32 17.19
N CYS E 61 11.04 21.21 16.69
CA CYS E 61 9.95 21.30 15.71
C CYS E 61 8.74 21.98 16.30
N TRP E 62 8.39 21.64 17.55
CA TRP E 62 7.28 22.32 18.19
C TRP E 62 7.58 23.80 18.36
N GLY E 63 8.83 24.13 18.69
CA GLY E 63 9.24 25.53 18.71
C GLY E 63 8.98 26.23 17.39
N ASP E 64 9.32 25.56 16.27
CA ASP E 64 9.07 26.14 14.95
C ASP E 64 7.59 26.39 14.72
N LEU E 65 6.73 25.43 15.08
CA LEU E 65 5.30 25.61 14.88
C LEU E 65 4.77 26.77 15.71
N MET E 66 5.23 26.87 16.96
CA MET E 66 4.77 27.94 17.84
C MET E 66 5.34 29.29 17.44
N THR E 67 6.60 29.32 16.97
CA THR E 67 7.16 30.58 16.50
C THR E 67 6.38 31.10 15.30
N LEU E 68 6.07 30.21 14.35
CA LEU E 68 5.21 30.58 13.24
C LEU E 68 3.86 31.08 13.73
N ALA E 69 3.21 30.30 14.61
CA ALA E 69 1.89 30.66 15.08
C ALA E 69 1.90 32.03 15.77
N THR E 70 2.89 32.27 16.62
CA THR E 70 2.97 33.55 17.31
C THR E 70 3.23 34.70 16.34
N TRP E 71 4.13 34.49 15.37
CA TRP E 71 4.45 35.57 14.45
C TRP E 71 3.23 36.00 13.64
N VAL E 72 2.42 35.03 13.20
CA VAL E 72 1.20 35.39 12.47
C VAL E 72 0.26 36.17 13.37
N GLY E 73 0.06 35.68 14.61
CA GLY E 73 -0.84 36.38 15.52
C GLY E 73 -0.40 37.79 15.81
N THR E 74 0.91 38.00 15.95
CA THR E 74 1.43 39.33 16.22
C THR E 74 1.25 40.25 15.01
N ASN E 75 1.63 39.78 13.81
CA ASN E 75 1.75 40.66 12.67
C ASN E 75 0.50 40.73 11.81
N LEU E 76 -0.27 39.65 11.71
CA LEU E 76 -1.39 39.60 10.78
C LEU E 76 -2.74 39.63 11.50
N GLU E 77 -2.76 39.99 12.78
CA GLU E 77 -3.99 40.13 13.54
C GLU E 77 -4.00 41.49 14.22
N ASP E 78 -5.14 42.19 14.15
CA ASP E 78 -5.26 43.39 14.96
C ASP E 78 -6.33 43.16 16.04
N PRO E 79 -7.64 43.31 15.78
CA PRO E 79 -8.59 43.08 16.88
C PRO E 79 -8.82 41.61 17.17
N ALA E 80 -8.33 40.71 16.31
CA ALA E 80 -8.33 39.29 16.62
C ALA E 80 -7.63 39.06 17.95
N SER E 81 -8.10 38.04 18.67
CA SER E 81 -7.44 37.63 19.91
C SER E 81 -5.97 37.30 19.71
N ARG E 82 -5.48 37.28 18.47
CA ARG E 82 -4.14 36.90 18.05
C ARG E 82 -3.71 35.55 18.60
N ASP E 83 -4.65 34.76 19.13
CA ASP E 83 -4.42 33.38 19.53
C ASP E 83 -5.19 32.42 18.64
N LEU E 84 -5.67 32.89 17.48
CA LEU E 84 -6.37 32.00 16.55
C LEU E 84 -5.40 30.97 15.97
N VAL E 85 -4.24 31.42 15.52
CA VAL E 85 -3.27 30.50 14.91
C VAL E 85 -2.74 29.54 15.95
N VAL E 86 -2.34 30.06 17.12
CA VAL E 86 -1.85 29.21 18.21
C VAL E 86 -2.90 28.18 18.60
N SER E 87 -4.19 28.51 18.45
CA SER E 87 -5.24 27.59 18.85
C SER E 87 -5.43 26.45 17.86
N TYR E 88 -5.30 26.73 16.56
CA TYR E 88 -5.41 25.64 15.58
C TYR E 88 -4.27 24.64 15.75
N VAL E 89 -3.07 25.13 16.03
CA VAL E 89 -1.90 24.26 16.18
C VAL E 89 -2.14 23.25 17.30
N ASN E 90 -2.51 23.74 18.48
CA ASN E 90 -2.75 22.84 19.61
C ASN E 90 -3.94 21.91 19.37
N THR E 91 -4.82 22.24 18.43
CA THR E 91 -5.98 21.39 18.17
C THR E 91 -5.60 20.15 17.36
N ASN E 92 -4.83 20.34 16.29
CA ASN E 92 -4.50 19.26 15.35
C ASN E 92 -3.10 18.68 15.56
N VAL E 93 -2.07 19.48 15.36
CA VAL E 93 -0.71 18.96 15.48
C VAL E 93 -0.30 18.77 16.94
N GLY E 94 -1.02 19.40 17.88
CA GLY E 94 -0.69 19.22 19.28
C GLY E 94 -0.80 17.77 19.75
N LEU E 95 -1.82 17.06 19.29
CA LEU E 95 -1.94 15.65 19.68
C LEU E 95 -0.78 14.85 19.12
N LYS E 96 -0.40 15.11 17.87
CA LYS E 96 0.75 14.41 17.29
C LYS E 96 2.00 14.59 18.14
N PHE E 97 2.23 15.80 18.65
CA PHE E 97 3.45 16.02 19.42
C PHE E 97 3.33 15.54 20.85
N ARG E 98 2.12 15.54 21.42
CA ARG E 98 1.94 14.91 22.72
C ARG E 98 2.28 13.43 22.65
N GLN E 99 1.80 12.73 21.61
CA GLN E 99 2.18 11.33 21.43
C GLN E 99 3.70 11.19 21.35
N LEU E 100 4.34 12.01 20.51
CA LEU E 100 5.74 11.82 20.20
C LEU E 100 6.64 12.15 21.39
N LEU E 101 6.39 13.28 22.03
CA LEU E 101 7.18 13.67 23.21
C LEU E 101 6.98 12.67 24.34
N TRP E 102 5.71 12.25 24.55
CA TRP E 102 5.45 11.27 25.61
C TRP E 102 6.18 9.98 25.35
N PHE E 103 6.16 9.51 24.09
CA PHE E 103 6.82 8.25 23.76
C PHE E 103 8.29 8.31 24.09
N HIS E 104 8.99 9.36 23.64
CA HIS E 104 10.43 9.39 23.83
C HIS E 104 10.80 9.60 25.29
N ILE E 105 10.11 10.50 26.00
CA ILE E 105 10.40 10.70 27.41
C ILE E 105 10.13 9.43 28.21
N SER E 106 9.01 8.76 27.92
CA SER E 106 8.69 7.53 28.65
C SER E 106 9.70 6.44 28.35
N CYS E 107 10.08 6.29 27.07
CA CYS E 107 11.08 5.28 26.72
C CYS E 107 12.41 5.53 27.42
N LEU E 108 12.82 6.80 27.52
CA LEU E 108 14.07 7.09 28.20
C LEU E 108 14.03 6.68 29.67
N THR E 109 12.84 6.66 30.27
CA THR E 109 12.71 6.29 31.68
C THR E 109 12.45 4.81 31.87
N PHE E 110 11.53 4.23 31.10
CA PHE E 110 11.07 2.88 31.34
C PHE E 110 11.53 1.87 30.29
N GLY E 111 12.00 2.33 29.14
CA GLY E 111 12.37 1.37 28.11
C GLY E 111 11.21 1.04 27.19
N ARG E 112 11.56 0.68 25.95
CA ARG E 112 10.56 0.47 24.90
C ARG E 112 9.54 -0.59 25.29
N GLU E 113 10.01 -1.75 25.74
CA GLU E 113 9.10 -2.87 26.01
C GLU E 113 8.04 -2.48 27.04
N THR E 114 8.45 -1.84 28.13
CA THR E 114 7.50 -1.43 29.17
C THR E 114 6.52 -0.39 28.63
N VAL E 115 7.01 0.55 27.82
CA VAL E 115 6.15 1.59 27.27
C VAL E 115 5.11 0.98 26.33
N LEU E 116 5.54 0.09 25.43
CA LEU E 116 4.58 -0.48 24.49
C LEU E 116 3.54 -1.34 25.21
N GLU E 117 3.96 -2.06 26.25
CA GLU E 117 3.01 -2.84 27.04
C GLU E 117 2.04 -1.93 27.76
N TYR E 118 2.50 -0.77 28.24
CA TYR E 118 1.60 0.13 28.94
C TYR E 118 0.58 0.74 27.98
N LEU E 119 1.00 1.10 26.76
N LEU E 119 1.03 1.13 26.79
CA LEU E 119 0.06 1.60 25.77
CA LEU E 119 0.12 1.57 25.73
C LEU E 119 -1.08 0.61 25.54
C LEU E 119 -1.06 0.61 25.58
N VAL E 120 -0.76 -0.68 25.43
CA VAL E 120 -1.81 -1.67 25.25
C VAL E 120 -2.67 -1.79 26.51
N SER E 121 -2.03 -1.83 27.68
CA SER E 121 -2.78 -1.95 28.94
C SER E 121 -3.78 -0.82 29.11
N PHE E 122 -3.34 0.42 28.92
CA PHE E 122 -4.25 1.54 29.09
C PHE E 122 -5.32 1.55 27.99
N GLY E 123 -4.91 1.27 26.74
CA GLY E 123 -5.88 1.24 25.65
C GLY E 123 -7.00 0.25 25.88
N VAL E 124 -6.69 -0.92 26.44
CA VAL E 124 -7.72 -1.90 26.78
C VAL E 124 -8.54 -1.43 27.96
N TRP E 125 -7.89 -0.85 28.97
CA TRP E 125 -8.65 -0.39 30.15
C TRP E 125 -9.66 0.69 29.76
N ILE E 126 -9.24 1.67 28.96
CA ILE E 126 -10.12 2.79 28.67
C ILE E 126 -11.27 2.37 27.77
N ARG E 127 -11.11 1.25 27.06
CA ARG E 127 -12.19 0.72 26.22
C ARG E 127 -13.12 -0.22 26.97
N THR E 128 -12.76 -0.62 28.20
CA THR E 128 -13.67 -1.37 29.04
C THR E 128 -14.70 -0.39 29.60
N PRO E 129 -15.98 -0.71 29.59
CA PRO E 129 -16.97 0.25 30.06
C PRO E 129 -16.69 0.69 31.49
N PRO E 130 -16.80 1.99 31.78
CA PRO E 130 -16.36 2.49 33.10
C PRO E 130 -17.05 1.81 34.26
N ALA E 131 -18.33 1.48 34.12
CA ALA E 131 -19.03 0.81 35.20
C ALA E 131 -18.64 -0.65 35.35
N ALA E 132 -17.84 -1.21 34.45
CA ALA E 132 -17.42 -2.60 34.50
C ALA E 132 -15.92 -2.80 34.74
N ARG E 133 -15.12 -1.74 34.85
CA ARG E 133 -13.67 -1.86 34.90
C ARG E 133 -13.14 -1.45 36.26
N PRO E 134 -11.88 -1.77 36.56
CA PRO E 134 -11.30 -1.30 37.84
C PRO E 134 -11.30 0.21 37.87
N PRO E 135 -11.54 0.80 39.04
CA PRO E 135 -11.71 2.26 39.11
C PRO E 135 -10.45 3.02 38.75
N ASN E 136 -9.28 2.48 39.03
CA ASN E 136 -8.03 3.17 38.76
C ASN E 136 -7.38 2.61 37.50
N ALA E 137 -6.64 3.47 36.83
CA ALA E 137 -5.99 3.09 35.59
C ALA E 137 -4.79 2.17 35.87
N PRO E 138 -4.37 1.37 34.89
CA PRO E 138 -3.09 0.67 35.04
C PRO E 138 -1.98 1.69 35.25
N ILE E 139 -0.87 1.24 35.82
CA ILE E 139 0.24 2.11 36.23
C ILE E 139 1.45 1.83 35.35
N LEU E 140 2.11 2.92 34.92
CA LEU E 140 3.37 2.81 34.19
C LEU E 140 4.51 2.74 35.19
N SER E 141 5.22 1.62 35.21
CA SER E 141 6.33 1.46 36.15
C SER E 141 7.28 0.39 35.64
N THR E 142 8.48 0.38 36.23
CA THR E 142 9.49 -0.62 35.92
C THR E 142 10.35 -0.84 37.15
N LEU E 143 10.92 -2.04 37.26
CA LEU E 143 11.75 -2.39 38.42
C LEU E 143 12.98 -1.50 38.54
N VAL E 149 23.82 -9.04 46.41
CA VAL E 149 24.65 -9.35 47.57
C VAL E 149 25.11 -10.81 47.52
N GLU E 150 26.41 -11.02 47.66
CA GLU E 150 27.02 -12.33 47.55
C GLU E 150 26.79 -13.16 48.81
N ASN E 151 26.72 -14.49 48.64
CA ASN E 151 26.57 -15.39 49.79
C ASN E 151 27.71 -15.21 50.78
N LEU E 152 28.92 -14.97 50.27
CA LEU E 152 30.10 -14.80 51.11
C LEU E 152 29.90 -13.72 52.17
N TYR E 153 29.08 -12.71 51.85
CA TYR E 153 28.88 -11.58 52.76
C TYR E 153 28.39 -12.04 54.13
N PHE E 154 27.60 -13.12 54.18
CA PHE E 154 26.97 -13.55 55.42
C PHE E 154 27.66 -14.73 56.09
N GLN E 155 28.77 -15.22 55.55
CA GLN E 155 29.37 -16.45 56.08
C GLN E 155 30.40 -16.13 57.16
N MET F 1 14.65 25.41 27.40
CA MET F 1 15.88 24.76 27.01
C MET F 1 16.47 25.47 25.80
N ASP F 2 17.78 25.36 25.63
CA ASP F 2 18.47 25.94 24.50
C ASP F 2 19.17 24.80 23.75
N ILE F 3 18.45 24.19 22.80
CA ILE F 3 18.98 23.07 22.03
C ILE F 3 19.39 23.59 20.66
N ASP F 4 20.64 23.32 20.29
CA ASP F 4 21.16 23.58 18.96
C ASP F 4 21.11 22.26 18.20
N PRO F 5 20.33 22.15 17.11
CA PRO F 5 20.20 20.83 16.46
C PRO F 5 21.48 20.34 15.83
N TYR F 6 22.48 21.21 15.62
CA TYR F 6 23.74 20.77 15.03
C TYR F 6 24.74 20.32 16.07
N LYS F 7 24.49 20.57 17.36
CA LYS F 7 25.55 20.42 18.35
C LYS F 7 26.03 18.99 18.48
N GLU F 8 25.11 18.02 18.53
CA GLU F 8 25.50 16.62 18.59
C GLU F 8 26.17 16.14 17.30
N PHE F 9 26.10 16.91 16.21
CA PHE F 9 26.73 16.56 14.94
C PHE F 9 28.00 17.36 14.65
N GLY F 10 28.54 18.05 15.64
CA GLY F 10 29.78 18.78 15.50
C GLY F 10 29.69 20.12 14.82
N ALA F 11 28.51 20.72 14.75
CA ALA F 11 28.35 22.03 14.14
C ALA F 11 27.47 22.89 15.04
N THR F 12 27.08 24.05 14.53
CA THR F 12 26.25 24.99 15.27
C THR F 12 25.38 25.73 14.27
N VAL F 13 24.31 26.31 14.80
CA VAL F 13 23.48 27.20 13.99
C VAL F 13 24.32 28.32 13.39
N GLU F 14 25.24 28.88 14.19
CA GLU F 14 26.10 29.97 13.72
C GLU F 14 26.92 29.55 12.52
N LEU F 15 27.47 28.33 12.52
CA LEU F 15 28.28 27.90 11.39
C LEU F 15 27.45 27.80 10.12
N LEU F 16 26.28 27.16 10.20
CA LEU F 16 25.41 27.07 9.03
C LEU F 16 25.00 28.45 8.52
N SER F 17 24.84 29.42 9.42
N SER F 17 24.85 29.41 9.44
CA SER F 17 24.46 30.77 9.00
CA SER F 17 24.49 30.79 9.08
C SER F 17 25.61 31.55 8.39
C SER F 17 25.60 31.50 8.31
N PHE F 18 26.82 30.98 8.38
CA PHE F 18 27.93 31.59 7.66
C PHE F 18 27.70 31.49 6.16
N LEU F 19 26.80 30.59 5.73
CA LEU F 19 26.61 30.46 4.29
C LEU F 19 25.47 31.35 3.82
N PRO F 20 25.58 31.97 2.65
CA PRO F 20 24.47 32.77 2.15
C PRO F 20 23.29 31.87 1.85
N SER F 21 22.08 32.44 1.92
CA SER F 21 20.90 31.62 1.70
C SER F 21 20.90 31.01 0.30
N ASP F 22 21.50 31.71 -0.67
CA ASP F 22 21.56 31.24 -2.07
C ASP F 22 22.43 30.00 -2.24
N PHE F 23 23.28 29.68 -1.26
CA PHE F 23 24.10 28.47 -1.32
C PHE F 23 23.25 27.21 -1.33
N PHE F 24 22.14 27.22 -0.62
CA PHE F 24 21.44 25.95 -0.38
C PHE F 24 20.45 25.64 -1.50
N PRO F 25 20.35 24.35 -1.86
CA PRO F 25 19.22 23.92 -2.69
C PRO F 25 17.90 24.26 -2.02
N SER F 26 16.83 24.23 -2.82
CA SER F 26 15.48 24.43 -2.29
C SER F 26 15.04 23.26 -1.41
N VAL F 27 14.03 23.51 -0.57
CA VAL F 27 13.50 22.41 0.25
C VAL F 27 13.01 21.27 -0.63
N ARG F 28 12.25 21.61 -1.69
CA ARG F 28 11.74 20.58 -2.59
C ARG F 28 12.87 19.75 -3.16
N ASP F 29 13.97 20.41 -3.58
CA ASP F 29 15.05 19.63 -4.17
C ASP F 29 15.80 18.81 -3.14
N LEU F 30 15.91 19.33 -1.91
CA LEU F 30 16.51 18.54 -0.84
C LEU F 30 15.65 17.33 -0.51
N LEU F 31 14.34 17.53 -0.44
CA LEU F 31 13.44 16.41 -0.15
C LEU F 31 13.49 15.36 -1.25
N ASP F 32 13.54 15.80 -2.52
CA ASP F 32 13.62 14.86 -3.62
C ASP F 32 14.94 14.09 -3.61
N THR F 33 16.03 14.76 -3.24
CA THR F 33 17.31 14.07 -3.16
C THR F 33 17.34 13.09 -2.00
N ALA F 34 16.80 13.47 -0.83
CA ALA F 34 16.73 12.52 0.27
C ALA F 34 15.97 11.26 -0.15
N ALA F 35 14.87 11.42 -0.87
CA ALA F 35 14.12 10.26 -1.35
C ALA F 35 14.89 9.45 -2.39
N ALA F 36 15.50 10.12 -3.36
CA ALA F 36 16.21 9.40 -4.41
C ALA F 36 17.35 8.57 -3.85
N LEU F 37 18.05 9.07 -2.84
CA LEU F 37 19.25 8.42 -2.34
C LEU F 37 19.05 7.60 -1.08
N TYR F 38 18.08 7.95 -0.24
CA TYR F 38 17.98 7.35 1.09
C TYR F 38 16.58 6.90 1.47
N ARG F 39 15.64 6.80 0.52
CA ARG F 39 14.27 6.46 0.88
C ARG F 39 14.21 5.17 1.68
N ASP F 40 14.86 4.11 1.20
CA ASP F 40 14.73 2.81 1.86
C ASP F 40 15.28 2.87 3.29
N ALA F 41 16.44 3.50 3.48
CA ALA F 41 17.00 3.63 4.82
C ALA F 41 16.10 4.48 5.71
N LEU F 42 15.61 5.61 5.19
CA LEU F 42 14.77 6.50 5.99
C LEU F 42 13.48 5.82 6.41
N GLU F 43 12.92 4.96 5.56
CA GLU F 43 11.68 4.25 5.85
C GLU F 43 11.89 2.93 6.57
N SER F 44 13.13 2.56 6.88
CA SER F 44 13.35 1.24 7.42
C SER F 44 13.13 1.21 8.93
N PRO F 45 12.94 0.02 9.50
CA PRO F 45 12.85 -0.10 10.96
C PRO F 45 14.19 -0.02 11.67
N GLU F 46 15.27 0.31 10.97
CA GLU F 46 16.59 0.42 11.59
C GLU F 46 16.94 1.88 11.83
N HIS F 47 17.66 2.14 12.92
N HIS F 47 17.63 2.15 12.94
CA HIS F 47 18.13 3.48 13.25
CA HIS F 47 18.10 3.50 13.22
C HIS F 47 19.07 4.02 12.18
C HIS F 47 19.00 4.00 12.10
N CYS F 48 19.94 3.15 11.66
CA CYS F 48 20.95 3.47 10.64
C CYS F 48 22.01 4.44 11.17
N SER F 49 21.65 5.65 11.58
CA SER F 49 22.63 6.59 12.09
C SER F 49 21.88 7.75 12.77
N PRO F 50 22.57 8.51 13.62
CA PRO F 50 21.95 9.75 14.14
C PRO F 50 21.53 10.70 13.06
N HIS F 51 22.25 10.75 11.93
CA HIS F 51 21.81 11.60 10.83
C HIS F 51 20.47 11.14 10.28
N HIS F 52 20.28 9.82 10.16
CA HIS F 52 19.00 9.29 9.70
C HIS F 52 17.89 9.66 10.67
N THR F 53 18.13 9.50 11.98
CA THR F 53 17.11 9.85 12.95
C THR F 53 16.74 11.32 12.84
N ALA F 54 17.75 12.21 12.80
CA ALA F 54 17.47 13.63 12.69
C ALA F 54 16.76 13.93 11.37
N LEU F 55 17.21 13.30 10.29
CA LEU F 55 16.65 13.61 8.98
C LEU F 55 15.19 13.16 8.89
N ARG F 56 14.87 11.98 9.45
CA ARG F 56 13.49 11.54 9.55
C ARG F 56 12.62 12.60 10.20
N GLN F 57 13.05 13.12 11.35
CA GLN F 57 12.23 14.12 12.06
C GLN F 57 12.12 15.42 11.27
N ALA F 58 13.23 15.85 10.63
CA ALA F 58 13.21 17.12 9.89
C ALA F 58 12.24 17.05 8.72
N ILE F 59 12.23 15.92 8.01
CA ILE F 59 11.31 15.74 6.89
C ILE F 59 9.86 15.81 7.38
N LEU F 60 9.55 15.11 8.47
CA LEU F 60 8.19 15.13 8.99
C LEU F 60 7.82 16.51 9.51
N CYS F 61 8.76 17.20 10.16
CA CYS F 61 8.47 18.53 10.68
C CYS F 61 8.12 19.50 9.56
N TRP F 62 8.84 19.42 8.44
CA TRP F 62 8.51 20.29 7.32
C TRP F 62 7.08 20.04 6.84
N GLY F 63 6.65 18.78 6.80
CA GLY F 63 5.27 18.49 6.47
C GLY F 63 4.30 19.16 7.43
N ASP F 64 4.59 19.08 8.73
CA ASP F 64 3.78 19.77 9.74
C ASP F 64 3.76 21.27 9.50
N LEU F 65 4.92 21.86 9.19
CA LEU F 65 4.97 23.30 8.97
C LEU F 65 4.16 23.70 7.75
N MET F 66 4.20 22.90 6.69
CA MET F 66 3.46 23.26 5.49
C MET F 66 1.96 23.16 5.71
N THR F 67 1.54 22.16 6.48
CA THR F 67 0.12 22.03 6.82
C THR F 67 -0.34 23.24 7.64
N LEU F 68 0.47 23.67 8.61
CA LEU F 68 0.15 24.86 9.37
C LEU F 68 0.11 26.10 8.48
N ALA F 69 1.14 26.28 7.66
CA ALA F 69 1.21 27.46 6.79
C ALA F 69 0.04 27.48 5.80
N THR F 70 -0.37 26.31 5.30
CA THR F 70 -1.52 26.25 4.42
C THR F 70 -2.79 26.69 5.14
N TRP F 71 -2.95 26.26 6.39
N TRP F 71 -2.95 26.26 6.39
CA TRP F 71 -4.12 26.67 7.17
CA TRP F 71 -4.13 26.66 7.17
C TRP F 71 -4.15 28.17 7.37
C TRP F 71 -4.15 28.17 7.39
N VAL F 72 -2.99 28.77 7.66
CA VAL F 72 -2.91 30.23 7.81
C VAL F 72 -3.29 30.92 6.51
N GLY F 73 -2.77 30.44 5.38
CA GLY F 73 -3.06 31.09 4.12
C GLY F 73 -4.55 31.05 3.81
N THR F 74 -5.18 29.88 3.98
CA THR F 74 -6.59 29.74 3.68
C THR F 74 -7.50 30.44 4.69
N ASN F 75 -7.03 30.69 5.92
CA ASN F 75 -7.87 31.31 6.95
C ASN F 75 -7.59 32.78 7.20
N LEU F 76 -6.74 33.43 6.40
CA LEU F 76 -6.46 34.84 6.59
C LEU F 76 -7.42 35.64 5.73
N GLU F 77 -8.17 36.55 6.37
CA GLU F 77 -9.21 37.30 5.66
C GLU F 77 -8.65 38.11 4.49
N ASP F 78 -7.39 38.59 4.62
CA ASP F 78 -6.75 39.51 3.67
C ASP F 78 -5.78 38.76 2.76
N PRO F 79 -5.89 38.95 1.45
CA PRO F 79 -4.94 38.28 0.53
C PRO F 79 -3.53 38.83 0.61
N ALA F 80 -3.36 40.10 0.97
CA ALA F 80 -2.02 40.67 1.06
C ALA F 80 -1.23 40.12 2.24
N SER F 81 -1.91 39.69 3.31
CA SER F 81 -1.22 39.12 4.47
C SER F 81 -0.85 37.67 4.26
N ARG F 82 -1.58 36.95 3.38
CA ARG F 82 -1.12 35.63 2.96
C ARG F 82 0.26 35.73 2.33
N ASP F 83 0.48 36.78 1.52
CA ASP F 83 1.79 37.02 0.93
C ASP F 83 2.85 37.14 2.00
N LEU F 84 2.57 37.88 3.07
CA LEU F 84 3.55 38.07 4.13
C LEU F 84 3.95 36.76 4.78
N VAL F 85 2.99 35.84 4.93
CA VAL F 85 3.29 34.55 5.56
C VAL F 85 4.25 33.74 4.70
N VAL F 86 3.98 33.66 3.40
CA VAL F 86 4.86 32.93 2.50
C VAL F 86 6.27 33.50 2.54
N SER F 87 6.39 34.83 2.42
CA SER F 87 7.71 35.45 2.43
C SER F 87 8.39 35.26 3.77
N TYR F 88 7.62 35.31 4.87
CA TYR F 88 8.18 34.99 6.18
C TYR F 88 8.71 33.57 6.23
N VAL F 89 7.93 32.60 5.73
CA VAL F 89 8.38 31.22 5.73
C VAL F 89 9.65 31.08 4.90
N ASN F 90 9.64 31.64 3.69
CA ASN F 90 10.80 31.54 2.81
C ASN F 90 12.03 32.17 3.46
N THR F 91 11.85 33.31 4.13
CA THR F 91 12.99 34.02 4.70
C THR F 91 13.50 33.32 5.95
N ASN F 92 12.59 32.81 6.80
CA ASN F 92 12.98 32.33 8.12
C ASN F 92 12.94 30.81 8.21
N VAL F 93 11.77 30.17 8.28
CA VAL F 93 11.84 28.78 8.65
C VAL F 93 12.18 27.92 7.44
N GLY F 94 11.88 28.40 6.23
CA GLY F 94 12.33 27.70 5.04
C GLY F 94 13.84 27.64 4.96
N LEU F 95 14.51 28.74 5.29
CA LEU F 95 15.97 28.75 5.28
C LEU F 95 16.52 27.80 6.34
N LYS F 96 15.92 27.82 7.55
CA LYS F 96 16.36 26.89 8.58
C LYS F 96 16.32 25.44 8.09
N PHE F 97 15.25 25.07 7.41
CA PHE F 97 15.13 23.67 6.97
C PHE F 97 16.00 23.36 5.76
N ARG F 98 16.26 24.35 4.91
CA ARG F 98 17.22 24.13 3.84
C ARG F 98 18.60 23.84 4.41
N GLN F 99 19.02 24.63 5.40
CA GLN F 99 20.29 24.37 6.07
C GLN F 99 20.31 22.98 6.67
N LEU F 100 19.24 22.62 7.39
CA LEU F 100 19.23 21.38 8.15
C LEU F 100 19.18 20.17 7.25
N LEU F 101 18.29 20.19 6.25
CA LEU F 101 18.22 19.06 5.33
C LEU F 101 19.53 18.93 4.55
N TRP F 102 20.08 20.07 4.11
CA TRP F 102 21.34 20.01 3.37
C TRP F 102 22.43 19.40 4.22
N PHE F 103 22.52 19.84 5.48
CA PHE F 103 23.56 19.35 6.36
C PHE F 103 23.50 17.83 6.49
N HIS F 104 22.33 17.31 6.83
CA HIS F 104 22.27 15.88 7.09
C HIS F 104 22.46 15.07 5.82
N ILE F 105 21.85 15.49 4.71
CA ILE F 105 21.99 14.74 3.46
C ILE F 105 23.46 14.75 3.01
N SER F 106 24.12 15.92 3.13
CA SER F 106 25.53 16.00 2.74
C SER F 106 26.40 15.15 3.65
N CYS F 107 26.15 15.19 4.96
CA CYS F 107 26.93 14.38 5.88
C CYS F 107 26.80 12.89 5.57
N LEU F 108 25.58 12.43 5.24
CA LEU F 108 25.41 11.03 4.90
C LEU F 108 26.21 10.64 3.66
N THR F 109 26.47 11.58 2.77
CA THR F 109 27.21 11.26 1.56
C THR F 109 28.71 11.48 1.72
N PHE F 110 29.13 12.58 2.36
CA PHE F 110 30.53 12.96 2.38
C PHE F 110 31.21 12.84 3.73
N GLY F 111 30.45 12.65 4.80
CA GLY F 111 31.04 12.64 6.13
C GLY F 111 31.15 14.04 6.73
N ARG F 112 31.25 14.06 8.06
CA ARG F 112 31.18 15.29 8.84
C ARG F 112 32.32 16.26 8.50
N GLU F 113 33.56 15.78 8.51
CA GLU F 113 34.67 16.72 8.30
C GLU F 113 34.61 17.35 6.92
N THR F 114 34.33 16.57 5.88
CA THR F 114 34.25 17.13 4.55
C THR F 114 33.18 18.21 4.47
N VAL F 115 32.03 17.97 5.11
CA VAL F 115 30.94 18.96 5.06
C VAL F 115 31.34 20.23 5.82
N LEU F 116 31.88 20.07 7.02
CA LEU F 116 32.25 21.23 7.81
C LEU F 116 33.33 22.04 7.12
N GLU F 117 34.31 21.37 6.53
CA GLU F 117 35.34 22.07 5.80
C GLU F 117 34.76 22.77 4.58
N TYR F 118 33.78 22.14 3.92
CA TYR F 118 33.19 22.75 2.74
C TYR F 118 32.40 23.99 3.11
N LEU F 119 31.70 23.96 4.25
CA LEU F 119 30.98 25.16 4.69
C LEU F 119 31.93 26.33 4.81
N VAL F 120 33.09 26.09 5.40
CA VAL F 120 34.07 27.18 5.57
C VAL F 120 34.60 27.60 4.22
N SER F 121 34.93 26.62 3.36
CA SER F 121 35.51 26.93 2.04
C SER F 121 34.59 27.81 1.22
N PHE F 122 33.30 27.43 1.13
CA PHE F 122 32.38 28.24 0.35
C PHE F 122 32.14 29.60 1.01
N GLY F 123 31.96 29.62 2.34
CA GLY F 123 31.73 30.89 3.02
C GLY F 123 32.88 31.88 2.85
N VAL F 124 34.11 31.39 2.81
CA VAL F 124 35.27 32.25 2.55
C VAL F 124 35.29 32.67 1.08
N TRP F 125 35.02 31.73 0.15
CA TRP F 125 35.05 32.11 -1.26
C TRP F 125 34.04 33.21 -1.58
N ILE F 126 32.81 33.09 -1.06
CA ILE F 126 31.77 34.04 -1.44
C ILE F 126 32.05 35.41 -0.83
N ARG F 127 32.83 35.47 0.24
CA ARG F 127 33.24 36.73 0.86
C ARG F 127 34.50 37.32 0.23
N THR F 128 35.14 36.60 -0.64
CA THR F 128 36.25 37.16 -1.41
C THR F 128 35.67 37.98 -2.57
N PRO F 129 36.20 39.17 -2.85
CA PRO F 129 35.61 39.97 -3.92
C PRO F 129 35.60 39.21 -5.22
N PRO F 130 34.50 39.24 -5.97
CA PRO F 130 34.41 38.42 -7.21
C PRO F 130 35.53 38.67 -8.19
N ALA F 131 36.01 39.92 -8.32
CA ALA F 131 37.09 40.17 -9.27
C ALA F 131 38.44 39.68 -8.79
N ALA F 132 38.54 39.25 -7.53
CA ALA F 132 39.80 38.78 -6.96
C ALA F 132 39.83 37.30 -6.67
N ARG F 133 38.75 36.57 -6.92
CA ARG F 133 38.67 35.18 -6.50
C ARG F 133 38.60 34.25 -7.71
N PRO F 134 38.80 32.95 -7.50
CA PRO F 134 38.63 32.00 -8.61
C PRO F 134 37.23 32.09 -9.17
N PRO F 135 37.11 31.93 -10.48
CA PRO F 135 35.81 32.13 -11.13
C PRO F 135 34.77 31.13 -10.68
N ASN F 136 35.16 29.91 -10.32
CA ASN F 136 34.21 28.88 -9.91
C ASN F 136 34.24 28.68 -8.40
N ALA F 137 33.10 28.21 -7.88
CA ALA F 137 33.00 27.96 -6.45
C ALA F 137 33.86 26.75 -6.08
N PRO F 138 34.26 26.62 -4.83
CA PRO F 138 34.88 25.38 -4.39
C PRO F 138 33.89 24.23 -4.56
N ILE F 139 34.41 23.00 -4.59
CA ILE F 139 33.64 21.81 -4.92
C ILE F 139 33.51 20.93 -3.69
N LEU F 140 32.30 20.44 -3.43
CA LEU F 140 32.07 19.51 -2.34
C LEU F 140 32.40 18.11 -2.85
N SER F 141 33.44 17.50 -2.30
CA SER F 141 33.83 16.17 -2.74
C SER F 141 34.61 15.49 -1.63
N THR F 142 34.56 14.16 -1.64
CA THR F 142 35.20 13.34 -0.61
C THR F 142 36.69 13.65 -0.47
N GLU F 150 31.51 6.85 9.59
CA GLU F 150 30.45 6.74 8.59
C GLU F 150 29.34 5.79 9.04
N ASN F 151 29.71 4.54 9.35
CA ASN F 151 28.73 3.54 9.73
C ASN F 151 28.52 3.44 11.24
N LEU F 152 29.57 3.65 12.04
CA LEU F 152 29.48 3.62 13.49
C LEU F 152 29.50 5.05 14.04
N TYR F 153 28.72 5.27 15.10
CA TYR F 153 28.63 6.60 15.71
C TYR F 153 28.83 6.47 17.21
N PHE F 154 29.96 6.96 17.70
CA PHE F 154 30.15 7.14 19.13
C PHE F 154 29.24 8.25 19.63
N GLN F 155 29.38 8.59 20.90
CA GLN F 155 28.59 9.65 21.49
C GLN F 155 28.92 11.02 20.88
#